data_4MGF
#
_entry.id   4MGF
#
_cell.length_a   186.500
_cell.length_b   186.500
_cell.length_c   41.900
_cell.angle_alpha   90.00
_cell.angle_beta   90.00
_cell.angle_gamma   90.00
#
_symmetry.space_group_name_H-M   'I 4'
#
loop_
_entity.id
_entity.type
_entity.pdbx_description
1 polymer 'Hemin degrading factor'
2 water water
#
_entity_poly.entity_id   1
_entity_poly.type   'polypeptide(L)'
_entity_poly.pdbx_seq_one_letter_code
;HHHHHHMSSTPSLSHSPAELYRAWQDLRAERPQLRARDAAALLQVSEGELVASRVGIDAVRLRPDWAALLPALGELGPIM
ALTRNEHCVHERKGPYREVTVSANGQMGLVVSPDIDLRLFLGGWNAVFAIAEETARGTQRSIQVFDQQGVAVHKVFLAEA
SDVRAWEPLVERLRAAEQDAVLALHEPRAPAAALVDAQIDAAALREGWAALKDTHHFHALLKKHGAQRTQALRLAGGEWA
ERLDNGDLAKLFEAAAESGLPIMVFVGNAHCIQIHTGPVCNLKWLDDWFNVLDPEFNLHLKTTGIAELWRVRKPSTDGIV
TSWEAFDPDGELIVQLFGARKPGEPERDDWRELAESFKAL
;
_entity_poly.pdbx_strand_id   A,B
#
# COMPACT_ATOMS: atom_id res chain seq x y z
N SER A 16 -24.74 24.08 -11.64
CA SER A 16 -24.34 22.82 -11.04
C SER A 16 -22.83 22.49 -11.21
N PRO A 17 -22.33 22.40 -12.47
CA PRO A 17 -20.95 21.91 -12.65
C PRO A 17 -19.89 22.76 -11.92
N ALA A 18 -20.09 24.07 -11.93
CA ALA A 18 -19.17 24.98 -11.25
C ALA A 18 -19.19 24.74 -9.75
N GLU A 19 -20.39 24.65 -9.17
CA GLU A 19 -20.52 24.51 -7.72
C GLU A 19 -19.98 23.17 -7.30
N LEU A 20 -20.20 22.16 -8.15
CA LEU A 20 -19.76 20.81 -7.86
C LEU A 20 -18.25 20.75 -7.79
N TYR A 21 -17.60 21.31 -8.80
CA TYR A 21 -16.14 21.34 -8.83
C TYR A 21 -15.58 22.08 -7.62
N ARG A 22 -16.21 23.20 -7.27
CA ARG A 22 -15.81 23.97 -6.10
C ARG A 22 -16.11 23.23 -4.79
N ALA A 23 -17.25 22.57 -4.70
CA ALA A 23 -17.56 21.80 -3.48
C ALA A 23 -16.54 20.69 -3.28
N TRP A 24 -16.12 20.07 -4.38
CA TRP A 24 -15.09 19.05 -4.37
C TRP A 24 -13.77 19.60 -3.83
N GLN A 25 -13.29 20.68 -4.43
CA GLN A 25 -12.00 21.28 -4.03
C GLN A 25 -11.98 21.68 -2.57
N ASP A 26 -13.11 22.18 -2.06
CA ASP A 26 -13.19 22.57 -0.65
C ASP A 26 -13.05 21.32 0.23
N LEU A 27 -13.70 20.24 -0.19
CA LEU A 27 -13.61 18.97 0.51
C LEU A 27 -12.19 18.45 0.45
N ARG A 28 -11.57 18.58 -0.70
CA ARG A 28 -10.20 18.11 -0.92
C ARG A 28 -9.23 18.83 0.00
N ALA A 29 -9.34 20.14 0.06
CA ALA A 29 -8.47 20.94 0.92
C ALA A 29 -8.51 20.43 2.35
N GLU A 30 -9.69 20.08 2.84
CA GLU A 30 -9.86 19.65 4.21
C GLU A 30 -9.46 18.17 4.39
N ARG A 31 -9.59 17.39 3.32
CA ARG A 31 -9.33 15.95 3.37
C ARG A 31 -8.68 15.43 2.09
N PRO A 32 -7.40 15.76 1.86
CA PRO A 32 -6.72 15.40 0.61
C PRO A 32 -6.56 13.89 0.40
N GLN A 33 -6.72 13.09 1.45
CA GLN A 33 -6.71 11.63 1.29
C GLN A 33 -7.90 11.18 0.44
N LEU A 34 -8.95 11.98 0.44
CA LEU A 34 -10.16 11.61 -0.29
C LEU A 34 -9.88 11.63 -1.77
N ARG A 35 -10.11 10.49 -2.40
CA ARG A 35 -9.96 10.35 -3.83
C ARG A 35 -11.31 10.66 -4.48
N ALA A 36 -11.32 10.81 -5.80
CA ALA A 36 -12.49 11.29 -6.52
C ALA A 36 -13.72 10.45 -6.21
N ARG A 37 -13.56 9.14 -6.27
CA ARG A 37 -14.63 8.20 -6.00
C ARG A 37 -15.24 8.46 -4.62
N ASP A 38 -14.37 8.63 -3.63
CA ASP A 38 -14.77 8.91 -2.24
C ASP A 38 -15.47 10.26 -2.13
N ALA A 39 -14.82 11.28 -2.68
CA ALA A 39 -15.37 12.63 -2.66
C ALA A 39 -16.76 12.67 -3.29
N ALA A 40 -16.89 12.01 -4.42
CA ALA A 40 -18.16 11.99 -5.13
C ALA A 40 -19.29 11.44 -4.26
N ALA A 41 -19.04 10.32 -3.58
CA ALA A 41 -20.04 9.77 -2.66
C ALA A 41 -20.43 10.80 -1.59
N LEU A 42 -19.43 11.42 -0.98
CA LEU A 42 -19.68 12.42 0.06
C LEU A 42 -20.48 13.59 -0.49
N LEU A 43 -20.26 13.91 -1.76
CA LEU A 43 -21.00 15.01 -2.38
C LEU A 43 -22.33 14.58 -3.05
N GLN A 44 -22.74 13.34 -2.82
CA GLN A 44 -24.03 12.85 -3.33
C GLN A 44 -24.13 12.88 -4.86
N VAL A 45 -23.01 12.65 -5.55
CA VAL A 45 -23.02 12.52 -7.00
C VAL A 45 -22.18 11.32 -7.39
N SER A 46 -22.29 10.89 -8.64
CA SER A 46 -21.45 9.83 -9.15
C SER A 46 -20.06 10.37 -9.47
N GLU A 47 -19.08 9.48 -9.54
CA GLU A 47 -17.74 9.89 -9.91
C GLU A 47 -17.72 10.49 -11.31
N GLY A 48 -18.57 9.97 -12.18
CA GLY A 48 -18.62 10.43 -13.56
C GLY A 48 -19.07 11.88 -13.66
N GLU A 49 -20.03 12.27 -12.82
CA GLU A 49 -20.47 13.66 -12.77
C GLU A 49 -19.36 14.55 -12.19
N LEU A 50 -18.61 14.02 -11.23
CA LEU A 50 -17.53 14.76 -10.62
C LEU A 50 -16.49 15.08 -11.68
N VAL A 51 -16.11 14.08 -12.46
CA VAL A 51 -15.15 14.26 -13.54
C VAL A 51 -15.67 15.25 -14.59
N ALA A 52 -16.94 15.11 -14.96
CA ALA A 52 -17.58 16.05 -15.90
C ALA A 52 -17.42 17.51 -15.47
N SER A 53 -17.42 17.77 -14.18
CA SER A 53 -17.27 19.14 -13.69
C SER A 53 -15.86 19.66 -13.87
N ARG A 54 -14.93 18.79 -14.30
CA ARG A 54 -13.55 19.21 -14.54
C ARG A 54 -13.32 19.68 -15.98
N VAL A 55 -14.32 19.45 -16.82
CA VAL A 55 -14.24 19.77 -18.23
C VAL A 55 -14.15 21.29 -18.40
N GLY A 56 -13.17 21.76 -19.15
CA GLY A 56 -12.90 23.18 -19.30
C GLY A 56 -12.00 23.68 -18.20
N ILE A 57 -11.64 22.78 -17.28
CA ILE A 57 -10.61 23.09 -16.30
C ILE A 57 -9.36 22.28 -16.59
N ASP A 58 -9.48 20.95 -16.50
CA ASP A 58 -8.36 20.07 -16.83
C ASP A 58 -8.78 18.76 -17.53
N ALA A 59 -10.03 18.67 -17.92
CA ALA A 59 -10.55 17.51 -18.63
C ALA A 59 -11.16 17.91 -19.97
N VAL A 60 -11.08 17.00 -20.94
CA VAL A 60 -11.74 17.16 -22.22
C VAL A 60 -12.62 15.94 -22.42
N ARG A 61 -13.88 16.15 -22.76
CA ARG A 61 -14.78 15.03 -23.01
C ARG A 61 -14.46 14.45 -24.38
N LEU A 62 -14.47 13.13 -24.49
CA LEU A 62 -14.16 12.46 -25.76
C LEU A 62 -15.41 11.76 -26.27
N ARG A 63 -15.45 11.49 -27.57
CA ARG A 63 -16.58 10.78 -28.15
C ARG A 63 -16.47 9.35 -27.69
N PRO A 64 -17.59 8.75 -27.26
CA PRO A 64 -17.58 7.34 -26.89
C PRO A 64 -17.35 6.41 -28.11
N ASP A 65 -16.32 6.70 -28.90
CA ASP A 65 -15.98 5.94 -30.10
C ASP A 65 -15.05 4.81 -29.74
N TRP A 66 -15.59 3.75 -29.16
CA TRP A 66 -14.72 2.72 -28.60
C TRP A 66 -13.81 2.11 -29.66
N ALA A 67 -14.33 1.91 -30.87
CA ALA A 67 -13.57 1.30 -31.96
C ALA A 67 -12.39 2.16 -32.41
N ALA A 68 -12.50 3.47 -32.26
CA ALA A 68 -11.37 4.35 -32.54
C ALA A 68 -10.51 4.53 -31.30
N LEU A 69 -11.16 4.80 -30.16
CA LEU A 69 -10.44 5.10 -28.93
C LEU A 69 -9.52 3.96 -28.47
N LEU A 70 -10.07 2.76 -28.29
CA LEU A 70 -9.29 1.63 -27.77
C LEU A 70 -8.01 1.31 -28.55
N PRO A 71 -8.11 1.14 -29.88
CA PRO A 71 -6.86 0.88 -30.61
C PRO A 71 -5.87 2.01 -30.46
N ALA A 72 -6.38 3.24 -30.45
CA ALA A 72 -5.53 4.43 -30.31
C ALA A 72 -4.69 4.50 -29.03
N LEU A 73 -5.17 3.92 -27.92
CA LEU A 73 -4.41 3.99 -26.68
C LEU A 73 -3.06 3.30 -26.81
N GLY A 74 -2.93 2.41 -27.80
CA GLY A 74 -1.67 1.74 -28.10
C GLY A 74 -0.52 2.69 -28.44
N GLU A 75 -0.85 3.86 -28.98
CA GLU A 75 0.18 4.83 -29.33
C GLU A 75 0.82 5.48 -28.11
N LEU A 76 0.21 5.28 -26.94
CA LEU A 76 0.71 5.88 -25.72
C LEU A 76 1.89 5.11 -25.16
N GLY A 77 2.18 3.97 -25.75
CA GLY A 77 3.19 3.09 -25.21
C GLY A 77 2.73 2.55 -23.88
N PRO A 78 3.69 2.10 -23.05
CA PRO A 78 3.45 1.56 -21.70
C PRO A 78 2.63 2.50 -20.83
N ILE A 79 1.54 1.97 -20.31
CA ILE A 79 0.63 2.71 -19.46
C ILE A 79 0.34 1.86 -18.25
N MET A 80 -0.51 2.37 -17.37
CA MET A 80 -1.05 1.55 -16.31
C MET A 80 -2.58 1.51 -16.47
N ALA A 81 -3.12 0.30 -16.47
CA ALA A 81 -4.56 0.12 -16.56
C ALA A 81 -5.14 -0.13 -15.18
N LEU A 82 -6.19 0.58 -14.82
CA LEU A 82 -6.81 0.40 -13.52
C LEU A 82 -8.28 0.00 -13.68
N THR A 83 -8.63 -1.17 -13.15
CA THR A 83 -10.03 -1.62 -13.09
C THR A 83 -10.30 -2.06 -11.66
N ARG A 84 -11.48 -1.75 -11.12
CA ARG A 84 -11.76 -2.05 -9.74
C ARG A 84 -13.25 -2.28 -9.58
N ASN A 85 -13.62 -2.82 -8.42
CA ASN A 85 -14.99 -2.80 -7.96
C ASN A 85 -14.92 -2.16 -6.56
N GLU A 86 -16.00 -2.20 -5.80
CA GLU A 86 -16.03 -1.56 -4.48
C GLU A 86 -14.87 -2.01 -3.58
N HIS A 87 -14.52 -3.29 -3.64
CA HIS A 87 -13.58 -3.85 -2.66
C HIS A 87 -12.23 -4.24 -3.21
N CYS A 88 -12.01 -4.13 -4.51
CA CYS A 88 -10.71 -4.58 -5.00
C CYS A 88 -10.23 -3.80 -6.20
N VAL A 89 -8.97 -3.40 -6.17
CA VAL A 89 -8.45 -2.61 -7.29
C VAL A 89 -7.25 -3.28 -7.90
N HIS A 90 -7.22 -3.29 -9.22
CA HIS A 90 -6.30 -4.09 -10.00
C HIS A 90 -5.54 -3.10 -10.90
N GLU A 91 -4.23 -3.01 -10.72
CA GLU A 91 -3.41 -2.10 -11.54
C GLU A 91 -2.31 -2.85 -12.25
N ARG A 92 -2.34 -2.82 -13.58
CA ARG A 92 -1.40 -3.60 -14.37
C ARG A 92 -0.75 -2.71 -15.42
N LYS A 93 0.57 -2.83 -15.52
CA LYS A 93 1.35 -1.96 -16.42
C LYS A 93 1.73 -2.69 -17.70
N GLY A 94 1.78 -1.94 -18.80
CA GLY A 94 2.11 -2.51 -20.09
C GLY A 94 1.49 -1.69 -21.20
N PRO A 95 1.91 -1.94 -22.46
CA PRO A 95 1.26 -1.29 -23.59
C PRO A 95 -0.18 -1.76 -23.79
N TYR A 96 -1.07 -0.84 -24.19
CA TYR A 96 -2.48 -1.18 -24.42
C TYR A 96 -2.66 -1.87 -25.75
N ARG A 97 -2.27 -3.14 -25.82
CA ARG A 97 -2.32 -3.92 -27.06
C ARG A 97 -2.36 -5.39 -26.67
N GLU A 98 -2.91 -6.28 -27.51
CA GLU A 98 -3.51 -5.94 -28.80
C GLU A 98 -5.01 -5.82 -28.63
N VAL A 99 -5.56 -4.76 -29.20
CA VAL A 99 -6.99 -4.44 -29.07
C VAL A 99 -7.77 -5.07 -30.21
N THR A 100 -8.92 -5.63 -29.88
CA THR A 100 -9.90 -6.12 -30.85
C THR A 100 -11.28 -5.65 -30.40
N VAL A 101 -12.04 -5.06 -31.32
CA VAL A 101 -13.43 -4.69 -31.06
C VAL A 101 -14.38 -5.43 -32.02
N SER A 102 -15.41 -6.08 -31.46
CA SER A 102 -16.36 -6.87 -32.25
C SER A 102 -17.08 -6.08 -33.35
N ALA A 103 -17.63 -6.83 -34.31
CA ALA A 103 -18.39 -6.29 -35.44
C ALA A 103 -19.41 -5.24 -35.03
N ASN A 104 -20.27 -5.59 -34.08
CA ASN A 104 -21.34 -4.70 -33.63
C ASN A 104 -20.86 -3.68 -32.61
N GLY A 105 -19.56 -3.68 -32.35
CA GLY A 105 -18.93 -2.72 -31.47
C GLY A 105 -19.30 -2.81 -30.00
N GLN A 106 -19.82 -3.97 -29.58
CA GLN A 106 -20.30 -4.10 -28.21
C GLN A 106 -19.33 -4.87 -27.31
N MET A 107 -18.33 -5.48 -27.92
CA MET A 107 -17.42 -6.33 -27.18
C MET A 107 -15.99 -5.97 -27.56
N GLY A 108 -15.13 -5.88 -26.56
CA GLY A 108 -13.74 -5.56 -26.80
C GLY A 108 -12.80 -6.51 -26.10
N LEU A 109 -11.63 -6.68 -26.70
CA LEU A 109 -10.62 -7.53 -26.12
C LEU A 109 -9.29 -6.84 -26.20
N VAL A 110 -8.53 -6.91 -25.10
CA VAL A 110 -7.12 -6.56 -25.15
C VAL A 110 -6.36 -7.80 -24.73
N VAL A 111 -5.53 -8.31 -25.62
CA VAL A 111 -4.84 -9.57 -25.39
C VAL A 111 -3.33 -9.39 -25.49
N SER A 112 -2.66 -9.69 -24.38
CA SER A 112 -1.20 -9.61 -24.28
C SER A 112 -0.79 -10.29 -22.98
N PRO A 113 0.51 -10.53 -22.81
CA PRO A 113 1.01 -11.05 -21.54
C PRO A 113 0.84 -10.07 -20.37
N ASP A 114 0.63 -8.78 -20.65
CA ASP A 114 0.55 -7.81 -19.56
C ASP A 114 -0.85 -7.19 -19.41
N ILE A 115 -1.19 -6.27 -20.31
CA ILE A 115 -2.55 -5.74 -20.32
C ILE A 115 -3.49 -6.80 -20.93
N ASP A 116 -4.44 -7.28 -20.13
CA ASP A 116 -5.32 -8.38 -20.53
C ASP A 116 -6.72 -8.02 -20.06
N LEU A 117 -7.63 -7.81 -21.00
CA LEU A 117 -8.89 -7.14 -20.67
C LEU A 117 -10.03 -7.74 -21.45
N ARG A 118 -11.19 -7.81 -20.79
CA ARG A 118 -12.44 -8.14 -21.47
C ARG A 118 -13.38 -6.96 -21.30
N LEU A 119 -13.74 -6.33 -22.41
CA LEU A 119 -14.50 -5.11 -22.34
C LEU A 119 -15.94 -5.34 -22.77
N PHE A 120 -16.87 -4.98 -21.90
CA PHE A 120 -18.30 -5.06 -22.22
C PHE A 120 -18.86 -3.66 -22.52
N LEU A 121 -18.73 -3.29 -23.79
CA LEU A 121 -18.89 -1.90 -24.25
C LEU A 121 -20.29 -1.30 -24.13
N GLY A 122 -21.31 -2.14 -24.16
CA GLY A 122 -22.68 -1.66 -24.15
C GLY A 122 -23.06 -0.78 -22.97
N GLY A 123 -22.42 -0.97 -21.83
CA GLY A 123 -22.72 -0.18 -20.66
C GLY A 123 -21.81 1.05 -20.52
N TRP A 124 -20.76 1.10 -21.32
CA TRP A 124 -19.81 2.19 -21.27
C TRP A 124 -20.49 3.44 -21.77
N ASN A 125 -20.50 4.51 -20.97
CA ASN A 125 -21.30 5.68 -21.25
C ASN A 125 -20.54 6.94 -21.65
N ALA A 126 -19.59 7.39 -20.82
CA ALA A 126 -18.87 8.60 -21.13
C ALA A 126 -17.37 8.40 -20.92
N VAL A 127 -16.59 9.19 -21.64
CA VAL A 127 -15.15 9.09 -21.58
C VAL A 127 -14.49 10.48 -21.53
N PHE A 128 -13.53 10.65 -20.64
CA PHE A 128 -12.87 11.93 -20.46
C PHE A 128 -11.36 11.76 -20.51
N ALA A 129 -10.69 12.76 -21.08
CA ALA A 129 -9.25 12.81 -21.05
C ALA A 129 -8.85 13.87 -20.02
N ILE A 130 -8.07 13.45 -19.04
CA ILE A 130 -7.72 14.33 -17.94
C ILE A 130 -6.23 14.65 -17.97
N ALA A 131 -5.92 15.93 -17.91
CA ALA A 131 -4.54 16.36 -17.79
C ALA A 131 -4.45 17.21 -16.54
N GLU A 132 -4.22 16.54 -15.42
CA GLU A 132 -4.20 17.17 -14.11
C GLU A 132 -2.81 17.70 -13.85
N GLU A 133 -2.70 18.99 -13.57
CA GLU A 133 -1.41 19.68 -13.52
C GLU A 133 -0.44 19.18 -12.45
N THR A 134 -0.97 18.92 -11.25
CA THR A 134 -0.19 18.40 -10.13
C THR A 134 0.95 19.34 -9.71
N THR A 138 2.28 17.07 -14.79
CA THR A 138 0.91 16.84 -15.23
C THR A 138 0.60 15.35 -15.38
N GLN A 139 -0.40 14.86 -14.63
CA GLN A 139 -0.78 13.46 -14.68
C GLN A 139 -1.91 13.30 -15.66
N ARG A 140 -1.67 12.50 -16.70
CA ARG A 140 -2.65 12.31 -17.76
C ARG A 140 -3.35 10.95 -17.67
N SER A 141 -4.64 10.94 -17.98
CA SER A 141 -5.43 9.71 -17.95
C SER A 141 -6.69 9.78 -18.80
N ILE A 142 -7.14 8.59 -19.21
CA ILE A 142 -8.40 8.40 -19.89
C ILE A 142 -9.31 7.65 -18.92
N GLN A 143 -10.48 8.22 -18.64
CA GLN A 143 -11.36 7.66 -17.62
C GLN A 143 -12.74 7.44 -18.18
N VAL A 144 -13.26 6.22 -17.99
CA VAL A 144 -14.52 5.81 -18.61
C VAL A 144 -15.55 5.54 -17.52
N PHE A 145 -16.77 6.00 -17.76
CA PHE A 145 -17.84 5.84 -16.80
C PHE A 145 -19.05 5.19 -17.44
N ASP A 146 -19.85 4.51 -16.62
CA ASP A 146 -20.99 3.73 -17.12
C ASP A 146 -22.25 4.59 -17.07
N GLN A 147 -23.40 3.98 -17.33
CA GLN A 147 -24.65 4.75 -17.41
C GLN A 147 -25.12 5.33 -16.06
N GLN A 148 -24.65 4.78 -14.95
CA GLN A 148 -24.90 5.38 -13.62
C GLN A 148 -23.79 6.34 -13.18
N GLY A 149 -22.81 6.58 -14.04
CA GLY A 149 -21.69 7.46 -13.70
C GLY A 149 -20.66 6.80 -12.80
N VAL A 150 -20.72 5.47 -12.69
CA VAL A 150 -19.75 4.73 -11.89
C VAL A 150 -18.56 4.39 -12.79
N ALA A 151 -17.35 4.54 -12.28
CA ALA A 151 -16.15 4.18 -13.04
C ALA A 151 -16.22 2.79 -13.66
N VAL A 152 -15.76 2.71 -14.91
CA VAL A 152 -15.62 1.43 -15.59
C VAL A 152 -14.16 0.97 -15.65
N HIS A 153 -13.27 1.90 -16.03
CA HIS A 153 -11.93 1.56 -16.46
C HIS A 153 -11.20 2.88 -16.62
N LYS A 154 -9.92 2.89 -16.21
CA LYS A 154 -9.06 4.06 -16.39
C LYS A 154 -7.70 3.60 -16.91
N VAL A 155 -7.08 4.43 -17.72
CA VAL A 155 -5.70 4.21 -18.07
C VAL A 155 -4.86 5.47 -17.89
N PHE A 156 -3.79 5.31 -17.13
CA PHE A 156 -2.94 6.42 -16.75
C PHE A 156 -1.64 6.33 -17.54
N LEU A 157 -1.18 7.48 -18.01
CA LEU A 157 0.15 7.55 -18.60
C LEU A 157 1.18 7.47 -17.47
N ALA A 158 2.35 6.93 -17.79
CA ALA A 158 3.45 6.86 -16.83
C ALA A 158 4.61 7.66 -17.40
N GLU A 159 5.81 7.47 -16.85
CA GLU A 159 6.97 8.12 -17.43
C GLU A 159 7.39 7.41 -18.72
N ALA A 160 7.21 6.09 -18.73
CA ALA A 160 7.57 5.28 -19.88
C ALA A 160 6.62 5.46 -21.05
N SER A 161 5.49 6.13 -20.81
CA SER A 161 4.51 6.37 -21.87
C SER A 161 5.09 7.33 -22.90
N ASP A 162 4.62 7.22 -24.14
CA ASP A 162 5.02 8.17 -25.17
C ASP A 162 4.10 9.37 -25.14
N VAL A 163 4.54 10.43 -24.46
CA VAL A 163 3.70 11.59 -24.22
C VAL A 163 3.35 12.34 -25.50
N ARG A 164 4.17 12.20 -26.54
CA ARG A 164 3.94 12.92 -27.80
C ARG A 164 2.65 12.46 -28.49
N ALA A 165 2.09 11.36 -28.01
CA ALA A 165 0.89 10.76 -28.61
C ALA A 165 -0.38 11.40 -28.05
N TRP A 166 -0.27 11.96 -26.86
CA TRP A 166 -1.41 12.47 -26.11
C TRP A 166 -2.23 13.52 -26.85
N GLU A 167 -1.65 14.67 -27.08
CA GLU A 167 -2.41 15.76 -27.71
C GLU A 167 -3.09 15.39 -29.04
N PRO A 168 -2.36 14.74 -29.97
CA PRO A 168 -3.06 14.33 -31.18
C PRO A 168 -4.25 13.38 -30.90
N LEU A 169 -4.07 12.44 -29.99
CA LEU A 169 -5.14 11.52 -29.61
C LEU A 169 -6.35 12.25 -29.08
N VAL A 170 -6.11 13.14 -28.12
CA VAL A 170 -7.16 13.95 -27.52
C VAL A 170 -7.90 14.77 -28.59
N GLU A 171 -7.14 15.44 -29.44
CA GLU A 171 -7.72 16.31 -30.47
C GLU A 171 -8.60 15.53 -31.44
N ARG A 172 -8.14 14.32 -31.79
CA ARG A 172 -8.86 13.45 -32.73
C ARG A 172 -10.16 12.95 -32.12
N LEU A 173 -10.20 12.76 -30.81
CA LEU A 173 -11.38 12.18 -30.14
C LEU A 173 -12.29 13.21 -29.44
N ARG A 174 -11.86 14.47 -29.38
CA ARG A 174 -12.65 15.54 -28.73
C ARG A 174 -14.13 15.45 -29.08
N ALA A 175 -15.00 15.46 -28.06
CA ALA A 175 -16.43 15.55 -28.31
C ALA A 175 -16.80 16.96 -28.76
N ALA A 176 -17.77 17.06 -29.66
CA ALA A 176 -18.26 18.35 -30.16
C ALA A 176 -18.81 19.21 -29.02
N GLU A 177 -19.68 18.62 -28.21
CA GLU A 177 -20.21 19.28 -27.01
C GLU A 177 -19.34 18.99 -25.77
N GLN A 178 -18.83 20.05 -25.14
CA GLN A 178 -18.06 19.95 -23.90
C GLN A 178 -18.89 19.34 -22.78
N ASP A 179 -20.18 19.68 -22.77
CA ASP A 179 -21.18 19.16 -21.83
C ASP A 179 -20.63 18.74 -20.47
N ALA A 180 -20.55 19.68 -19.53
CA ALA A 180 -19.98 19.40 -18.22
C ALA A 180 -21.03 18.91 -17.22
N VAL A 181 -22.00 18.15 -17.70
CA VAL A 181 -23.07 17.65 -16.83
C VAL A 181 -23.21 16.13 -16.87
N LEU A 182 -23.21 15.58 -18.08
CA LEU A 182 -23.29 14.13 -18.31
C LEU A 182 -24.66 13.54 -17.98
N ALA A 183 -25.23 12.81 -18.93
CA ALA A 183 -26.57 12.24 -18.77
C ALA A 183 -26.54 10.82 -18.18
N LEU A 184 -27.34 10.60 -17.13
CA LEU A 184 -27.33 9.33 -16.41
C LEU A 184 -28.70 8.63 -16.43
N HIS A 185 -28.68 7.33 -16.69
CA HIS A 185 -29.88 6.50 -16.80
C HIS A 185 -30.22 5.90 -15.43
N GLU A 186 -31.47 5.48 -15.27
CA GLU A 186 -31.85 4.70 -14.09
C GLU A 186 -31.47 3.26 -14.35
N PRO A 187 -30.91 2.59 -13.33
CA PRO A 187 -30.48 1.18 -13.50
C PRO A 187 -31.65 0.23 -13.70
N ARG A 188 -31.53 -0.66 -14.70
CA ARG A 188 -32.55 -1.68 -14.94
C ARG A 188 -32.80 -2.51 -13.70
N ALA A 189 -34.06 -2.86 -13.46
CA ALA A 189 -34.46 -3.58 -12.26
C ALA A 189 -33.74 -4.91 -12.14
N PRO A 190 -33.34 -5.27 -10.90
CA PRO A 190 -32.81 -6.62 -10.69
C PRO A 190 -33.95 -7.62 -10.76
N ALA A 191 -33.89 -8.53 -11.74
CA ALA A 191 -34.90 -9.58 -11.86
C ALA A 191 -35.03 -10.32 -10.53
N ALA A 192 -36.25 -10.75 -10.23
CA ALA A 192 -36.58 -11.41 -8.96
C ALA A 192 -35.53 -12.42 -8.51
N ALA A 193 -35.02 -12.24 -7.29
CA ALA A 193 -34.19 -13.25 -6.65
C ALA A 193 -35.07 -14.41 -6.18
N LEU A 194 -34.76 -15.61 -6.66
CA LEU A 194 -35.49 -16.79 -6.23
C LEU A 194 -34.92 -17.34 -4.94
N VAL A 195 -35.76 -17.88 -4.07
CA VAL A 195 -35.28 -18.55 -2.87
C VAL A 195 -34.69 -19.88 -3.29
N ASP A 196 -33.81 -20.43 -2.45
CA ASP A 196 -33.04 -21.62 -2.80
C ASP A 196 -33.92 -22.79 -3.23
N ALA A 197 -35.05 -22.97 -2.55
CA ALA A 197 -35.93 -24.10 -2.81
C ALA A 197 -36.60 -24.03 -4.18
N GLN A 198 -36.73 -22.83 -4.74
CA GLN A 198 -37.36 -22.68 -6.06
C GLN A 198 -36.42 -23.02 -7.20
N ILE A 199 -35.20 -23.44 -6.87
CA ILE A 199 -34.24 -23.82 -7.90
C ILE A 199 -34.24 -25.33 -8.14
N ASP A 200 -34.23 -25.74 -9.42
CA ASP A 200 -34.08 -27.14 -9.77
C ASP A 200 -32.63 -27.58 -9.58
N ALA A 201 -32.29 -27.98 -8.36
CA ALA A 201 -30.90 -28.22 -7.98
C ALA A 201 -30.30 -29.36 -8.79
N ALA A 202 -31.08 -30.43 -8.93
CA ALA A 202 -30.62 -31.59 -9.68
C ALA A 202 -30.27 -31.20 -11.10
N ALA A 203 -31.17 -30.46 -11.76
CA ALA A 203 -30.88 -30.03 -13.13
C ALA A 203 -29.69 -29.07 -13.20
N LEU A 204 -29.63 -28.13 -12.26
CA LEU A 204 -28.47 -27.27 -12.10
C LEU A 204 -27.21 -28.15 -12.02
N ARG A 205 -27.21 -29.14 -11.13
CA ARG A 205 -26.07 -30.04 -11.00
C ARG A 205 -25.74 -30.79 -12.28
N GLU A 206 -26.78 -31.27 -12.97
CA GLU A 206 -26.60 -31.99 -14.22
C GLU A 206 -25.97 -31.08 -15.26
N GLY A 207 -26.52 -29.87 -15.37
CA GLY A 207 -25.91 -28.87 -16.23
C GLY A 207 -24.46 -28.58 -15.84
N TRP A 208 -24.20 -28.50 -14.54
CA TRP A 208 -22.84 -28.22 -14.05
C TRP A 208 -21.85 -29.26 -14.57
N ALA A 209 -22.22 -30.54 -14.42
CA ALA A 209 -21.38 -31.66 -14.84
C ALA A 209 -21.14 -31.66 -16.35
N ALA A 210 -22.16 -31.24 -17.09
CA ALA A 210 -22.13 -31.20 -18.56
C ALA A 210 -21.39 -30.00 -19.16
N LEU A 211 -21.00 -29.03 -18.32
CA LEU A 211 -20.27 -27.84 -18.77
C LEU A 211 -19.09 -28.14 -19.68
N LYS A 212 -19.02 -27.48 -20.84
CA LYS A 212 -17.95 -27.75 -21.80
C LYS A 212 -16.95 -26.59 -21.92
N ASP A 213 -17.47 -25.39 -21.75
CA ASP A 213 -16.62 -24.22 -21.76
C ASP A 213 -16.97 -23.44 -20.52
N THR A 214 -15.96 -22.98 -19.80
CA THR A 214 -16.20 -22.15 -18.62
C THR A 214 -17.04 -20.91 -19.00
N HIS A 215 -17.10 -20.61 -20.30
CA HIS A 215 -18.00 -19.59 -20.84
C HIS A 215 -19.45 -19.90 -20.53
N HIS A 216 -19.85 -21.14 -20.80
CA HIS A 216 -21.26 -21.56 -20.72
C HIS A 216 -21.80 -21.62 -19.29
N PHE A 217 -21.02 -21.11 -18.33
CA PHE A 217 -21.46 -21.10 -16.94
C PHE A 217 -22.52 -20.02 -16.73
N HIS A 218 -22.32 -18.87 -17.36
CA HIS A 218 -23.29 -17.79 -17.24
C HIS A 218 -24.66 -18.20 -17.73
N ALA A 219 -24.69 -18.84 -18.90
CA ALA A 219 -25.94 -19.34 -19.45
C ALA A 219 -26.60 -20.34 -18.51
N LEU A 220 -25.79 -21.13 -17.82
CA LEU A 220 -26.30 -22.11 -16.86
C LEU A 220 -27.05 -21.40 -15.73
N LEU A 221 -26.45 -20.35 -15.18
CA LEU A 221 -27.10 -19.59 -14.10
C LEU A 221 -28.40 -18.96 -14.57
N LYS A 222 -28.38 -18.39 -15.77
CA LYS A 222 -29.59 -17.81 -16.35
C LYS A 222 -30.63 -18.90 -16.61
N LYS A 223 -30.19 -19.98 -17.24
CA LYS A 223 -31.07 -21.13 -17.53
C LYS A 223 -31.85 -21.54 -16.28
N HIS A 224 -31.22 -21.48 -15.11
CA HIS A 224 -31.90 -21.86 -13.88
C HIS A 224 -32.29 -20.70 -12.96
N GLY A 225 -32.08 -19.47 -13.42
CA GLY A 225 -32.45 -18.30 -12.66
C GLY A 225 -31.77 -18.18 -11.29
N ALA A 226 -30.58 -18.73 -11.17
CA ALA A 226 -29.86 -18.73 -9.90
C ALA A 226 -28.89 -17.57 -9.80
N GLN A 227 -28.81 -16.95 -8.64
CA GLN A 227 -27.69 -16.05 -8.34
C GLN A 227 -26.41 -16.90 -8.37
N ARG A 228 -25.27 -16.24 -8.57
CA ARG A 228 -24.01 -16.96 -8.65
C ARG A 228 -23.64 -17.65 -7.33
N THR A 229 -23.79 -16.97 -6.19
CA THR A 229 -23.42 -17.62 -4.93
C THR A 229 -24.43 -18.71 -4.58
N GLN A 230 -25.69 -18.46 -4.95
CA GLN A 230 -26.80 -19.39 -4.73
C GLN A 230 -26.53 -20.69 -5.46
N ALA A 231 -26.01 -20.59 -6.67
CA ALA A 231 -25.66 -21.77 -7.43
C ALA A 231 -24.55 -22.54 -6.74
N LEU A 232 -23.58 -21.82 -6.20
CA LEU A 232 -22.48 -22.44 -5.48
C LEU A 232 -23.04 -23.24 -4.31
N ARG A 233 -23.95 -22.62 -3.57
CA ARG A 233 -24.60 -23.26 -2.42
C ARG A 233 -25.29 -24.57 -2.78
N LEU A 234 -25.88 -24.62 -3.96
CA LEU A 234 -26.70 -25.74 -4.36
C LEU A 234 -25.92 -26.72 -5.24
N ALA A 235 -24.71 -26.36 -5.65
CA ALA A 235 -23.96 -27.25 -6.53
C ALA A 235 -23.54 -28.55 -5.84
N GLY A 236 -23.18 -28.43 -4.56
CA GLY A 236 -22.60 -29.55 -3.83
C GLY A 236 -21.09 -29.49 -3.71
N GLY A 237 -20.55 -30.12 -2.68
CA GLY A 237 -19.16 -29.98 -2.31
C GLY A 237 -18.11 -30.40 -3.30
N GLU A 238 -18.40 -31.39 -4.13
CA GLU A 238 -17.47 -31.77 -5.18
C GLU A 238 -17.35 -30.65 -6.22
N TRP A 239 -18.33 -29.75 -6.25
CA TRP A 239 -18.29 -28.64 -7.21
C TRP A 239 -17.90 -27.30 -6.54
N ALA A 240 -18.45 -27.05 -5.36
CA ALA A 240 -18.25 -25.77 -4.71
C ALA A 240 -18.29 -25.92 -3.20
N GLU A 241 -17.25 -25.45 -2.53
CA GLU A 241 -17.25 -25.43 -1.07
C GLU A 241 -16.74 -24.12 -0.51
N ARG A 242 -17.46 -23.64 0.51
CA ARG A 242 -17.11 -22.41 1.16
C ARG A 242 -15.85 -22.57 2.02
N LEU A 243 -15.00 -21.57 1.97
CA LEU A 243 -13.73 -21.53 2.67
C LEU A 243 -13.75 -20.42 3.70
N ASP A 244 -12.83 -20.49 4.66
CA ASP A 244 -12.75 -19.43 5.63
C ASP A 244 -12.25 -18.20 4.87
N ASN A 245 -12.92 -17.07 5.07
CA ASN A 245 -12.57 -15.83 4.35
C ASN A 245 -11.08 -15.49 4.41
N GLY A 246 -10.45 -15.76 5.56
CA GLY A 246 -9.05 -15.40 5.79
C GLY A 246 -8.08 -16.13 4.88
N ASP A 247 -8.50 -17.26 4.34
CA ASP A 247 -7.61 -18.14 3.58
C ASP A 247 -7.13 -17.58 2.24
N LEU A 248 -7.82 -16.56 1.72
CA LEU A 248 -7.46 -16.04 0.39
C LEU A 248 -6.06 -15.40 0.40
N ALA A 249 -5.81 -14.58 1.41
CA ALA A 249 -4.49 -13.95 1.59
C ALA A 249 -3.40 -15.01 1.74
N LYS A 250 -3.70 -16.07 2.50
CA LYS A 250 -2.76 -17.14 2.76
C LYS A 250 -2.38 -17.88 1.48
N LEU A 251 -3.35 -18.00 0.57
CA LEU A 251 -3.16 -18.56 -0.77
C LEU A 251 -2.19 -17.74 -1.63
N PHE A 252 -2.36 -16.42 -1.64
CA PHE A 252 -1.41 -15.52 -2.29
C PHE A 252 0.00 -15.72 -1.72
N GLU A 253 0.09 -15.62 -0.39
CA GLU A 253 1.35 -15.87 0.33
C GLU A 253 1.96 -17.21 -0.01
N ALA A 254 1.12 -18.25 -0.08
CA ALA A 254 1.60 -19.56 -0.48
C ALA A 254 2.00 -19.61 -1.96
N ALA A 255 1.27 -18.89 -2.82
CA ALA A 255 1.64 -18.83 -4.23
C ALA A 255 2.94 -18.05 -4.42
N ALA A 256 3.13 -17.04 -3.60
CA ALA A 256 4.35 -16.25 -3.66
C ALA A 256 5.59 -17.07 -3.30
N GLU A 257 5.49 -17.87 -2.25
CA GLU A 257 6.62 -18.68 -1.80
C GLU A 257 7.03 -19.75 -2.81
N SER A 258 6.10 -20.18 -3.65
CA SER A 258 6.39 -21.21 -4.64
C SER A 258 6.73 -20.67 -6.02
N GLY A 259 6.39 -19.42 -6.29
CA GLY A 259 6.62 -18.84 -7.60
C GLY A 259 5.61 -19.33 -8.63
N LEU A 260 4.60 -20.04 -8.14
CA LEU A 260 3.49 -20.52 -8.95
C LEU A 260 2.83 -19.36 -9.70
N PRO A 261 2.82 -19.44 -11.04
CA PRO A 261 2.16 -18.48 -11.94
C PRO A 261 0.64 -18.65 -11.86
N ILE A 262 -0.06 -17.57 -11.53
CA ILE A 262 -1.50 -17.63 -11.33
C ILE A 262 -2.23 -16.63 -12.22
N MET A 263 -3.55 -16.63 -12.14
CA MET A 263 -4.38 -15.65 -12.84
C MET A 263 -5.27 -14.94 -11.83
N VAL A 264 -5.23 -13.61 -11.82
CA VAL A 264 -6.04 -12.83 -10.89
C VAL A 264 -7.02 -12.01 -11.70
N PHE A 265 -8.32 -12.27 -11.49
CA PHE A 265 -9.40 -11.61 -12.24
C PHE A 265 -10.10 -10.59 -11.34
N VAL A 266 -10.14 -9.35 -11.77
CA VAL A 266 -10.85 -8.31 -11.04
C VAL A 266 -11.68 -7.50 -12.03
N GLY A 267 -12.95 -7.30 -11.70
CA GLY A 267 -13.76 -6.52 -12.61
C GLY A 267 -15.03 -6.00 -12.01
N ASN A 268 -15.80 -5.36 -12.87
CA ASN A 268 -17.09 -4.83 -12.51
C ASN A 268 -18.04 -5.24 -13.61
N ALA A 269 -19.24 -4.69 -13.59
CA ALA A 269 -20.28 -5.00 -14.57
C ALA A 269 -19.85 -4.84 -16.05
N HIS A 270 -18.85 -4.01 -16.31
CA HIS A 270 -18.54 -3.63 -17.68
C HIS A 270 -17.13 -3.93 -18.17
N CYS A 271 -16.28 -4.45 -17.29
CA CYS A 271 -14.87 -4.56 -17.61
C CYS A 271 -14.25 -5.57 -16.68
N ILE A 272 -13.45 -6.48 -17.24
CA ILE A 272 -12.72 -7.43 -16.43
C ILE A 272 -11.25 -7.35 -16.78
N GLN A 273 -10.42 -7.21 -15.75
CA GLN A 273 -8.98 -7.10 -15.93
C GLN A 273 -8.25 -8.30 -15.34
N ILE A 274 -7.23 -8.76 -16.05
CA ILE A 274 -6.54 -10.00 -15.70
C ILE A 274 -5.05 -9.83 -15.56
N HIS A 275 -4.51 -10.38 -14.49
CA HIS A 275 -3.07 -10.57 -14.35
C HIS A 275 -2.76 -12.04 -14.51
N THR A 276 -1.79 -12.36 -15.37
CA THR A 276 -1.28 -13.72 -15.52
C THR A 276 0.21 -13.75 -15.18
N GLY A 277 0.57 -14.57 -14.21
CA GLY A 277 1.96 -14.70 -13.79
C GLY A 277 2.10 -14.88 -12.29
N PRO A 278 3.35 -15.00 -11.82
CA PRO A 278 3.58 -15.20 -10.38
C PRO A 278 3.30 -13.92 -9.64
N VAL A 279 3.20 -13.98 -8.31
CA VAL A 279 3.20 -12.76 -7.51
C VAL A 279 4.37 -12.84 -6.51
N CYS A 280 4.96 -11.71 -6.16
CA CYS A 280 6.14 -11.74 -5.29
C CYS A 280 5.95 -11.10 -3.93
N ASN A 281 5.79 -9.78 -3.92
CA ASN A 281 5.66 -9.04 -2.68
C ASN A 281 4.21 -8.85 -2.23
N LEU A 282 3.93 -9.31 -1.02
CA LEU A 282 2.61 -9.21 -0.43
C LEU A 282 2.72 -8.42 0.85
N LYS A 283 1.78 -7.52 1.09
CA LYS A 283 1.82 -6.67 2.28
C LYS A 283 0.44 -6.43 2.85
N TRP A 284 0.33 -6.47 4.17
CA TRP A 284 -0.88 -6.00 4.84
C TRP A 284 -0.75 -4.52 5.17
N LEU A 285 -1.88 -3.82 5.23
CA LEU A 285 -1.94 -2.43 5.70
C LEU A 285 -3.36 -2.21 6.19
N ASP A 286 -3.52 -2.21 7.52
CA ASP A 286 -4.84 -2.28 8.15
C ASP A 286 -5.63 -3.42 7.48
N ASP A 287 -6.85 -3.14 7.02
CA ASP A 287 -7.68 -4.16 6.37
C ASP A 287 -7.29 -4.48 4.91
N TRP A 288 -6.27 -3.81 4.40
CA TRP A 288 -5.87 -3.96 3.01
C TRP A 288 -4.84 -5.06 2.83
N PHE A 289 -5.14 -6.03 1.98
CA PHE A 289 -4.13 -6.96 1.55
C PHE A 289 -3.68 -6.55 0.15
N ASN A 290 -2.37 -6.46 -0.08
CA ASN A 290 -1.86 -5.93 -1.34
C ASN A 290 -0.82 -6.78 -2.03
N VAL A 291 -0.88 -6.81 -3.35
CA VAL A 291 0.25 -7.30 -4.14
C VAL A 291 1.01 -6.07 -4.62
N LEU A 292 2.33 -6.11 -4.49
CA LEU A 292 3.17 -4.96 -4.82
C LEU A 292 4.36 -5.33 -5.68
N ASP A 293 4.09 -5.69 -6.92
CA ASP A 293 5.12 -6.08 -7.86
C ASP A 293 5.36 -4.99 -8.91
N PRO A 294 6.53 -5.05 -9.57
CA PRO A 294 6.91 -4.00 -10.53
C PRO A 294 5.88 -3.73 -11.63
N GLU A 295 5.13 -4.74 -12.06
CA GLU A 295 4.20 -4.52 -13.15
C GLU A 295 2.75 -4.77 -12.73
N PHE A 296 2.55 -5.08 -11.46
CA PHE A 296 1.24 -5.49 -10.99
C PHE A 296 1.06 -5.12 -9.53
N ASN A 297 0.02 -4.33 -9.27
CA ASN A 297 -0.41 -4.04 -7.93
C ASN A 297 -1.87 -4.44 -7.78
N LEU A 298 -2.19 -5.02 -6.64
CA LEU A 298 -3.56 -5.41 -6.34
C LEU A 298 -3.88 -4.89 -4.96
N HIS A 299 -5.00 -4.19 -4.80
CA HIS A 299 -5.37 -3.72 -3.47
C HIS A 299 -6.74 -4.25 -3.06
N LEU A 300 -6.74 -5.21 -2.13
CA LEU A 300 -7.95 -5.89 -1.71
C LEU A 300 -8.37 -5.51 -0.29
N LYS A 301 -9.53 -4.86 -0.16
CA LYS A 301 -10.09 -4.54 1.15
C LYS A 301 -10.75 -5.79 1.74
N THR A 302 -9.97 -6.57 2.50
CA THR A 302 -10.44 -7.89 2.94
C THR A 302 -11.76 -7.89 3.71
N THR A 303 -12.10 -6.79 4.35
CA THR A 303 -13.33 -6.76 5.16
C THR A 303 -14.59 -6.68 4.30
N GLY A 304 -14.42 -6.41 3.01
CA GLY A 304 -15.54 -6.44 2.08
C GLY A 304 -15.95 -7.85 1.69
N ILE A 305 -15.10 -8.82 2.00
CA ILE A 305 -15.31 -10.23 1.66
C ILE A 305 -16.32 -10.92 2.57
N ALA A 306 -17.48 -11.28 2.03
CA ALA A 306 -18.54 -11.92 2.82
C ALA A 306 -18.47 -13.44 2.71
N GLU A 307 -18.13 -13.94 1.52
CA GLU A 307 -17.97 -15.36 1.31
C GLU A 307 -16.86 -15.67 0.30
N LEU A 308 -16.23 -16.81 0.49
CA LEU A 308 -15.13 -17.25 -0.34
C LEU A 308 -15.34 -18.72 -0.70
N TRP A 309 -15.13 -19.06 -1.97
CA TRP A 309 -15.47 -20.41 -2.44
C TRP A 309 -14.37 -21.02 -3.26
N ARG A 310 -14.15 -22.31 -3.08
CA ARG A 310 -13.33 -23.08 -4.01
C ARG A 310 -14.33 -23.62 -5.03
N VAL A 311 -14.08 -23.40 -6.32
CA VAL A 311 -15.01 -23.80 -7.37
C VAL A 311 -14.33 -24.73 -8.36
N ARG A 312 -15.06 -25.76 -8.81
CA ARG A 312 -14.57 -26.69 -9.81
C ARG A 312 -15.59 -26.81 -10.98
N LYS A 313 -15.15 -26.54 -12.20
CA LYS A 313 -16.02 -26.56 -13.38
C LYS A 313 -15.43 -27.45 -14.46
N PRO A 314 -16.17 -28.49 -14.87
CA PRO A 314 -15.80 -29.34 -16.02
C PRO A 314 -15.63 -28.49 -17.28
N SER A 315 -14.81 -28.96 -18.22
CA SER A 315 -14.60 -28.26 -19.48
C SER A 315 -13.86 -29.16 -20.47
N THR A 316 -13.95 -28.81 -21.74
CA THR A 316 -13.29 -29.56 -22.81
C THR A 316 -11.77 -29.63 -22.64
N ASP A 317 -11.21 -28.75 -21.81
CA ASP A 317 -9.79 -28.80 -21.45
C ASP A 317 -9.59 -29.55 -20.13
N GLY A 318 -10.69 -29.88 -19.47
CA GLY A 318 -10.60 -30.59 -18.20
C GLY A 318 -11.26 -29.81 -17.06
N ILE A 319 -11.20 -30.37 -15.87
CA ILE A 319 -11.68 -29.64 -14.70
C ILE A 319 -10.80 -28.43 -14.46
N VAL A 320 -11.44 -27.28 -14.24
CA VAL A 320 -10.74 -26.03 -13.96
C VAL A 320 -11.10 -25.58 -12.55
N THR A 321 -10.07 -25.35 -11.75
CA THR A 321 -10.27 -24.98 -10.36
C THR A 321 -10.03 -23.49 -10.13
N SER A 322 -10.88 -22.88 -9.31
CA SER A 322 -10.71 -21.47 -8.99
C SER A 322 -11.16 -21.11 -7.58
N TRP A 323 -10.65 -19.99 -7.06
CA TRP A 323 -11.19 -19.42 -5.84
C TRP A 323 -11.99 -18.17 -6.20
N GLU A 324 -13.17 -18.03 -5.61
CA GLU A 324 -14.05 -16.91 -5.90
C GLU A 324 -14.50 -16.21 -4.62
N ALA A 325 -14.19 -14.93 -4.50
CA ALA A 325 -14.58 -14.10 -3.37
C ALA A 325 -15.73 -13.15 -3.71
N PHE A 326 -16.71 -13.04 -2.82
CA PHE A 326 -17.92 -12.28 -3.08
C PHE A 326 -18.21 -11.31 -1.94
N ASP A 327 -18.84 -10.19 -2.26
CA ASP A 327 -19.26 -9.22 -1.24
C ASP A 327 -20.64 -9.58 -0.67
N PRO A 328 -21.14 -8.83 0.33
CA PRO A 328 -22.46 -9.20 0.86
C PRO A 328 -23.64 -9.05 -0.08
N ASP A 329 -23.45 -8.40 -1.22
CA ASP A 329 -24.53 -8.33 -2.20
C ASP A 329 -24.43 -9.49 -3.20
N GLY A 330 -23.44 -10.35 -3.00
CA GLY A 330 -23.24 -11.48 -3.89
C GLY A 330 -22.51 -11.20 -5.18
N GLU A 331 -21.88 -10.02 -5.31
CA GLU A 331 -21.11 -9.68 -6.50
C GLU A 331 -19.69 -10.20 -6.34
N LEU A 332 -19.04 -10.60 -7.43
CA LEU A 332 -17.65 -11.03 -7.39
C LEU A 332 -16.71 -9.88 -7.06
N ILE A 333 -15.71 -10.16 -6.23
CA ILE A 333 -14.69 -9.18 -5.85
C ILE A 333 -13.41 -9.50 -6.60
N VAL A 334 -12.99 -10.76 -6.51
CA VAL A 334 -11.78 -11.23 -7.18
C VAL A 334 -11.90 -12.74 -7.42
N GLN A 335 -11.22 -13.22 -8.45
CA GLN A 335 -11.17 -14.63 -8.78
C GLN A 335 -9.74 -15.05 -9.08
N LEU A 336 -9.35 -16.21 -8.55
CA LEU A 336 -8.03 -16.76 -8.82
C LEU A 336 -8.10 -18.07 -9.60
N PHE A 337 -7.30 -18.16 -10.66
CA PHE A 337 -7.13 -19.41 -11.39
C PHE A 337 -5.65 -19.72 -11.48
N GLY A 338 -5.33 -20.93 -11.93
CA GLY A 338 -3.98 -21.24 -12.33
C GLY A 338 -3.72 -20.75 -13.74
N ALA A 339 -2.49 -20.36 -14.02
CA ALA A 339 -2.14 -19.90 -15.35
C ALA A 339 -2.21 -21.07 -16.33
N ARG A 340 -2.93 -20.88 -17.43
CA ARG A 340 -2.95 -21.84 -18.52
C ARG A 340 -3.40 -21.17 -19.83
N LYS A 341 -2.82 -21.63 -20.94
CA LYS A 341 -3.24 -21.19 -22.25
C LYS A 341 -4.56 -21.87 -22.58
N PRO A 342 -5.31 -21.32 -23.55
CA PRO A 342 -6.49 -22.07 -24.01
C PRO A 342 -6.03 -23.40 -24.61
N GLY A 343 -6.88 -24.43 -24.53
CA GLY A 343 -6.53 -25.73 -25.04
C GLY A 343 -5.54 -26.50 -24.16
N GLU A 344 -5.30 -25.96 -22.98
CA GLU A 344 -4.40 -26.61 -22.04
C GLU A 344 -5.13 -26.91 -20.74
N PRO A 345 -4.77 -28.02 -20.09
CA PRO A 345 -5.32 -28.36 -18.78
C PRO A 345 -4.64 -27.52 -17.73
N GLU A 346 -5.31 -27.29 -16.60
CA GLU A 346 -4.68 -26.54 -15.52
C GLU A 346 -3.51 -27.34 -14.94
N ARG A 347 -2.54 -26.64 -14.38
CA ARG A 347 -1.32 -27.28 -13.92
C ARG A 347 -1.52 -27.86 -12.51
N ASP A 348 -0.92 -29.02 -12.26
CA ASP A 348 -1.11 -29.72 -11.01
C ASP A 348 -0.63 -28.92 -9.79
N ASP A 349 0.38 -28.08 -9.99
CA ASP A 349 0.84 -27.23 -8.88
C ASP A 349 -0.27 -26.32 -8.37
N TRP A 350 -0.97 -25.65 -9.29
CA TRP A 350 -2.10 -24.81 -8.89
C TRP A 350 -3.19 -25.66 -8.29
N ARG A 351 -3.53 -26.76 -8.96
CA ARG A 351 -4.61 -27.60 -8.44
C ARG A 351 -4.30 -28.03 -7.02
N GLU A 352 -3.05 -28.39 -6.75
CA GLU A 352 -2.63 -28.79 -5.41
C GLU A 352 -2.87 -27.68 -4.41
N LEU A 353 -2.38 -26.50 -4.74
CA LEU A 353 -2.48 -25.38 -3.83
C LEU A 353 -3.94 -25.00 -3.54
N ALA A 354 -4.76 -24.99 -4.59
CA ALA A 354 -6.15 -24.53 -4.48
C ALA A 354 -6.97 -25.47 -3.60
N GLU A 355 -6.62 -26.75 -3.66
CA GLU A 355 -7.28 -27.77 -2.88
C GLU A 355 -6.67 -27.92 -1.47
N SER A 356 -5.50 -27.34 -1.24
CA SER A 356 -4.77 -27.57 0.02
C SER A 356 -5.41 -26.94 1.26
N PHE A 357 -6.40 -26.07 1.06
CA PHE A 357 -7.02 -25.36 2.17
C PHE A 357 -8.34 -26.01 2.56
N LYS A 358 -8.56 -26.14 3.86
CA LYS A 358 -9.69 -26.92 4.36
C LYS A 358 -11.00 -26.15 4.31
N ALA A 359 -12.04 -26.79 3.79
CA ALA A 359 -13.34 -26.17 3.65
C ALA A 359 -14.00 -25.98 5.00
N LEU A 360 -14.91 -25.01 5.08
CA LEU A 360 -15.75 -24.93 6.27
C LEU A 360 -16.66 -26.15 6.31
N LEU B 20 3.30 -15.90 29.86
CA LEU B 20 2.05 -16.64 30.00
C LEU B 20 1.63 -17.36 28.71
N TYR B 21 1.45 -18.67 28.83
CA TYR B 21 0.92 -19.47 27.74
C TYR B 21 -0.48 -18.98 27.40
N ARG B 22 -1.18 -18.45 28.40
CA ARG B 22 -2.56 -17.97 28.22
C ARG B 22 -2.63 -16.77 27.28
N ALA B 23 -1.73 -15.81 27.48
CA ALA B 23 -1.64 -14.65 26.59
C ALA B 23 -1.48 -15.12 25.14
N TRP B 24 -0.52 -16.01 24.92
CA TRP B 24 -0.29 -16.57 23.59
C TRP B 24 -1.52 -17.28 23.00
N GLN B 25 -2.26 -18.01 23.85
CA GLN B 25 -3.46 -18.72 23.41
C GLN B 25 -4.50 -17.69 22.98
N ASP B 26 -4.62 -16.64 23.80
CA ASP B 26 -5.46 -15.48 23.52
C ASP B 26 -5.13 -14.82 22.17
N LEU B 27 -3.85 -14.55 21.89
CA LEU B 27 -3.47 -13.94 20.61
C LEU B 27 -3.90 -14.84 19.46
N ARG B 28 -3.60 -16.13 19.58
CA ARG B 28 -3.95 -17.09 18.54
C ARG B 28 -5.44 -17.13 18.25
N ALA B 29 -6.25 -16.76 19.23
CA ALA B 29 -7.68 -16.69 19.00
C ALA B 29 -8.07 -15.57 18.04
N GLU B 30 -7.57 -14.38 18.32
CA GLU B 30 -7.94 -13.21 17.56
C GLU B 30 -7.59 -13.18 16.08
N ARG B 31 -6.37 -13.41 15.65
CA ARG B 31 -6.11 -13.67 14.21
C ARG B 31 -7.07 -13.17 13.05
N PRO B 32 -7.41 -11.79 12.93
CA PRO B 32 -8.20 -11.48 11.75
C PRO B 32 -7.19 -11.38 10.64
N GLN B 33 -6.48 -10.26 10.67
CA GLN B 33 -5.37 -9.91 9.81
C GLN B 33 -4.57 -8.94 10.65
N LEU B 34 -5.05 -8.80 11.89
CA LEU B 34 -4.45 -7.98 12.92
C LEU B 34 -2.96 -8.27 13.03
N ARG B 35 -2.18 -7.22 13.24
CA ARG B 35 -0.76 -7.35 13.41
C ARG B 35 -0.47 -7.39 14.90
N ALA B 36 0.64 -8.02 15.27
CA ALA B 36 1.05 -8.18 16.67
C ALA B 36 0.84 -6.90 17.47
N ARG B 37 1.25 -5.80 16.87
CA ARG B 37 1.12 -4.49 17.49
C ARG B 37 -0.33 -4.20 17.88
N ASP B 38 -1.24 -4.35 16.92
CA ASP B 38 -2.65 -4.10 17.17
C ASP B 38 -3.21 -5.14 18.13
N ALA B 39 -2.84 -6.38 17.92
CA ALA B 39 -3.32 -7.48 18.75
C ALA B 39 -2.98 -7.22 20.22
N ALA B 40 -1.76 -6.76 20.48
CA ALA B 40 -1.28 -6.53 21.83
C ALA B 40 -2.07 -5.44 22.57
N ALA B 41 -2.42 -4.36 21.87
CA ALA B 41 -3.18 -3.29 22.52
C ALA B 41 -4.56 -3.79 22.91
N LEU B 42 -5.18 -4.58 22.05
CA LEU B 42 -6.45 -5.26 22.38
C LEU B 42 -6.39 -6.15 23.62
N LEU B 43 -5.23 -6.76 23.88
CA LEU B 43 -5.04 -7.66 25.00
C LEU B 43 -4.50 -6.94 26.23
N GLN B 44 -4.40 -5.62 26.15
CA GLN B 44 -3.91 -4.80 27.24
C GLN B 44 -2.51 -5.19 27.68
N VAL B 45 -1.64 -5.48 26.72
CA VAL B 45 -0.23 -5.72 26.99
C VAL B 45 0.58 -5.01 25.93
N SER B 46 1.85 -4.75 26.26
CA SER B 46 2.80 -4.23 25.29
C SER B 46 3.14 -5.29 24.25
N GLU B 47 3.60 -4.86 23.08
CA GLU B 47 3.97 -5.78 22.01
C GLU B 47 5.09 -6.69 22.47
N GLY B 48 5.99 -6.15 23.29
CA GLY B 48 7.11 -6.92 23.79
C GLY B 48 6.66 -8.07 24.67
N GLU B 49 5.61 -7.84 25.45
CA GLU B 49 5.05 -8.89 26.29
C GLU B 49 4.39 -9.96 25.42
N LEU B 50 3.72 -9.53 24.35
CA LEU B 50 3.10 -10.46 23.42
C LEU B 50 4.18 -11.36 22.79
N VAL B 51 5.27 -10.74 22.35
CA VAL B 51 6.34 -11.49 21.72
C VAL B 51 7.05 -12.41 22.74
N ALA B 52 7.24 -11.88 23.95
CA ALA B 52 7.80 -12.66 25.04
C ALA B 52 7.05 -13.97 25.27
N SER B 53 5.74 -13.98 25.10
CA SER B 53 4.97 -15.22 25.33
C SER B 53 5.15 -16.26 24.22
N ARG B 54 5.80 -15.86 23.13
CA ARG B 54 6.09 -16.82 22.06
C ARG B 54 7.35 -17.62 22.35
N VAL B 55 8.08 -17.23 23.40
CA VAL B 55 9.33 -17.88 23.73
C VAL B 55 9.07 -19.34 24.11
N GLY B 56 9.80 -20.24 23.47
CA GLY B 56 9.61 -21.67 23.68
C GLY B 56 8.64 -22.25 22.66
N ILE B 57 7.89 -21.38 22.00
CA ILE B 57 6.92 -21.84 20.99
C ILE B 57 7.50 -21.63 19.61
N ASP B 58 7.67 -20.37 19.21
CA ASP B 58 8.42 -20.09 17.99
C ASP B 58 9.42 -18.94 18.16
N ALA B 59 9.70 -18.59 19.41
CA ALA B 59 10.63 -17.51 19.70
C ALA B 59 11.75 -17.95 20.63
N VAL B 60 12.92 -17.36 20.42
CA VAL B 60 14.06 -17.53 21.31
C VAL B 60 14.46 -16.16 21.82
N ARG B 61 14.64 -16.01 23.13
CA ARG B 61 15.06 -14.73 23.67
C ARG B 61 16.57 -14.64 23.50
N LEU B 62 17.05 -13.48 23.10
CA LEU B 62 18.47 -13.28 22.89
C LEU B 62 19.03 -12.38 23.97
N ARG B 63 20.33 -12.50 24.23
CA ARG B 63 20.99 -11.60 25.15
C ARG B 63 20.99 -10.21 24.53
N PRO B 64 20.70 -9.19 25.34
CA PRO B 64 20.72 -7.82 24.83
C PRO B 64 22.17 -7.32 24.61
N ASP B 65 22.95 -8.13 23.90
CA ASP B 65 24.37 -7.83 23.68
C ASP B 65 24.49 -7.11 22.37
N TRP B 66 24.18 -5.83 22.40
CA TRP B 66 24.10 -5.04 21.19
C TRP B 66 25.45 -5.01 20.49
N ALA B 67 26.52 -4.85 21.28
CA ALA B 67 27.89 -4.82 20.75
C ALA B 67 28.19 -6.08 19.95
N ALA B 68 27.65 -7.21 20.40
CA ALA B 68 27.85 -8.47 19.69
C ALA B 68 26.73 -8.77 18.70
N LEU B 69 25.49 -8.55 19.11
CA LEU B 69 24.33 -8.91 18.26
C LEU B 69 24.24 -8.08 16.97
N LEU B 70 24.40 -6.76 17.07
CA LEU B 70 24.20 -5.89 15.90
C LEU B 70 25.18 -6.14 14.74
N PRO B 71 26.50 -6.17 15.03
CA PRO B 71 27.44 -6.49 13.94
C PRO B 71 27.19 -7.88 13.37
N ALA B 72 26.74 -8.80 14.22
CA ALA B 72 26.50 -10.18 13.83
C ALA B 72 25.43 -10.29 12.75
N LEU B 73 24.38 -9.46 12.86
CA LEU B 73 23.27 -9.45 11.90
C LEU B 73 23.75 -9.30 10.45
N GLY B 74 24.97 -8.80 10.27
CA GLY B 74 25.56 -8.68 8.95
C GLY B 74 25.62 -10.02 8.22
N GLU B 75 25.78 -11.08 9.01
CA GLU B 75 25.89 -12.44 8.49
C GLU B 75 24.68 -12.89 7.71
N LEU B 76 23.52 -12.29 7.97
CA LEU B 76 22.29 -12.72 7.32
C LEU B 76 22.18 -12.15 5.91
N GLY B 77 23.11 -11.26 5.57
CA GLY B 77 23.04 -10.58 4.29
C GLY B 77 21.78 -9.74 4.19
N PRO B 78 21.17 -9.69 3.00
CA PRO B 78 20.09 -8.78 2.61
C PRO B 78 18.82 -8.93 3.44
N ILE B 79 18.66 -8.06 4.43
CA ILE B 79 17.48 -8.07 5.28
C ILE B 79 16.53 -6.89 5.01
N MET B 80 15.34 -6.93 5.61
CA MET B 80 14.47 -5.75 5.61
C MET B 80 14.43 -5.21 7.02
N ALA B 81 14.82 -3.94 7.18
CA ALA B 81 14.77 -3.28 8.47
C ALA B 81 13.49 -2.48 8.59
N LEU B 82 12.82 -2.58 9.74
CA LEU B 82 11.55 -1.85 9.95
C LEU B 82 11.65 -1.03 11.22
N THR B 83 11.51 0.29 11.07
CA THR B 83 11.44 1.16 12.24
C THR B 83 10.19 2.00 12.06
N ARG B 84 9.50 2.29 13.15
CA ARG B 84 8.29 3.06 13.03
C ARG B 84 8.07 3.87 14.27
N ASN B 85 7.18 4.85 14.14
CA ASN B 85 6.51 5.45 15.27
C ASN B 85 5.00 5.24 15.07
N GLU B 86 4.20 5.88 15.89
CA GLU B 86 2.76 5.72 15.82
C GLU B 86 2.13 5.98 14.45
N HIS B 87 2.67 6.94 13.71
CA HIS B 87 2.01 7.41 12.48
C HIS B 87 2.74 7.11 11.19
N CYS B 88 3.96 6.61 11.28
CA CYS B 88 4.74 6.38 10.06
C CYS B 88 5.62 5.14 10.17
N VAL B 89 5.55 4.26 9.19
CA VAL B 89 6.46 3.09 9.20
C VAL B 89 7.42 3.10 8.02
N HIS B 90 8.69 2.77 8.30
CA HIS B 90 9.77 2.92 7.31
C HIS B 90 10.34 1.51 7.11
N GLU B 91 10.33 1.00 5.88
CA GLU B 91 10.83 -0.34 5.57
C GLU B 91 11.91 -0.29 4.50
N ARG B 92 13.14 -0.56 4.89
CA ARG B 92 14.27 -0.42 3.98
C ARG B 92 15.05 -1.73 3.85
N LYS B 93 15.36 -2.12 2.62
CA LYS B 93 16.13 -3.34 2.38
C LYS B 93 17.62 -3.07 2.08
N GLY B 94 18.45 -4.05 2.45
CA GLY B 94 19.88 -3.93 2.33
C GLY B 94 20.48 -4.79 3.41
N PRO B 95 21.81 -4.99 3.40
CA PRO B 95 22.47 -5.78 4.44
C PRO B 95 22.76 -4.95 5.68
N TYR B 96 22.79 -5.59 6.84
CA TYR B 96 23.00 -4.88 8.10
C TYR B 96 24.49 -4.55 8.32
N ARG B 97 24.99 -3.61 7.52
CA ARG B 97 26.39 -3.18 7.55
C ARG B 97 26.40 -1.72 7.06
N GLU B 98 27.32 -0.89 7.54
CA GLU B 98 28.37 -1.25 8.48
C GLU B 98 28.06 -0.73 9.88
N VAL B 99 28.23 -1.59 10.87
CA VAL B 99 27.81 -1.32 12.23
C VAL B 99 28.96 -0.82 13.11
N THR B 100 28.64 0.11 14.00
CA THR B 100 29.58 0.51 15.03
C THR B 100 28.80 0.68 16.32
N VAL B 101 29.32 0.10 17.39
CA VAL B 101 28.67 0.23 18.69
C VAL B 101 29.66 0.95 19.62
N SER B 102 29.23 2.06 20.20
CA SER B 102 30.10 2.86 21.04
C SER B 102 30.73 2.02 22.16
N ALA B 103 31.87 2.48 22.65
CA ALA B 103 32.63 1.76 23.66
C ALA B 103 31.84 1.53 24.93
N ASN B 104 31.01 2.49 25.32
CA ASN B 104 30.15 2.32 26.48
C ASN B 104 28.85 1.56 26.14
N GLY B 105 28.76 1.03 24.92
CA GLY B 105 27.60 0.29 24.49
C GLY B 105 26.29 1.07 24.53
N GLN B 106 26.37 2.38 24.33
CA GLN B 106 25.22 3.23 24.50
C GLN B 106 24.75 3.87 23.17
N MET B 107 25.66 3.96 22.21
CA MET B 107 25.31 4.54 20.92
C MET B 107 25.70 3.56 19.85
N GLY B 108 24.89 3.48 18.81
CA GLY B 108 25.19 2.59 17.72
C GLY B 108 24.88 3.30 16.42
N LEU B 109 25.55 2.88 15.36
CA LEU B 109 25.35 3.45 14.06
C LEU B 109 25.46 2.34 13.04
N VAL B 110 24.63 2.41 12.01
CA VAL B 110 24.75 1.50 10.88
C VAL B 110 24.85 2.42 9.69
N VAL B 111 25.95 2.32 8.95
CA VAL B 111 26.27 3.29 7.90
C VAL B 111 26.52 2.63 6.55
N SER B 112 25.65 2.96 5.58
CA SER B 112 25.72 2.39 4.25
C SER B 112 24.70 3.11 3.35
N PRO B 113 24.74 2.85 2.03
CA PRO B 113 23.75 3.37 1.07
C PRO B 113 22.33 2.84 1.22
N ASP B 114 22.13 1.75 1.95
CA ASP B 114 20.79 1.19 2.07
C ASP B 114 20.30 1.22 3.50
N ILE B 115 20.89 0.37 4.34
CA ILE B 115 20.54 0.34 5.74
C ILE B 115 21.34 1.42 6.38
N ASP B 116 20.64 2.33 7.04
CA ASP B 116 21.25 3.53 7.57
C ASP B 116 20.45 3.84 8.82
N LEU B 117 21.12 3.87 9.97
CA LEU B 117 20.43 3.88 11.24
C LEU B 117 21.21 4.59 12.32
N ARG B 118 20.49 5.31 13.16
CA ARG B 118 21.07 5.86 14.36
C ARG B 118 20.40 5.14 15.53
N LEU B 119 21.23 4.43 16.30
CA LEU B 119 20.74 3.58 17.37
C LEU B 119 21.05 4.17 18.73
N PHE B 120 20.01 4.40 19.54
CA PHE B 120 20.18 4.91 20.89
C PHE B 120 19.88 3.81 21.90
N LEU B 121 20.92 3.04 22.22
CA LEU B 121 20.76 1.74 22.87
C LEU B 121 20.38 1.82 24.33
N GLY B 122 20.46 2.99 24.92
CA GLY B 122 20.16 3.17 26.32
C GLY B 122 18.81 2.61 26.71
N GLY B 123 17.84 2.78 25.81
CA GLY B 123 16.47 2.39 26.10
C GLY B 123 16.08 1.02 25.58
N TRP B 124 16.96 0.41 24.78
CA TRP B 124 16.73 -0.93 24.26
C TRP B 124 16.69 -1.93 25.40
N ASN B 125 15.59 -2.68 25.51
CA ASN B 125 15.43 -3.61 26.63
C ASN B 125 15.62 -5.08 26.29
N ALA B 126 14.90 -5.58 25.29
CA ALA B 126 14.92 -7.00 24.97
C ALA B 126 14.86 -7.27 23.47
N VAL B 127 15.42 -8.40 23.07
CA VAL B 127 15.48 -8.78 21.67
C VAL B 127 15.11 -10.26 21.52
N PHE B 128 14.27 -10.58 20.55
CA PHE B 128 13.83 -11.96 20.33
C PHE B 128 14.05 -12.39 18.89
N ALA B 129 14.44 -13.64 18.73
CA ALA B 129 14.52 -14.22 17.40
C ALA B 129 13.29 -15.08 17.19
N ILE B 130 12.50 -14.71 16.19
CA ILE B 130 11.25 -15.38 15.94
C ILE B 130 11.38 -16.19 14.67
N ALA B 131 10.83 -17.40 14.68
CA ALA B 131 10.77 -18.18 13.45
C ALA B 131 9.37 -18.74 13.29
N GLU B 132 8.50 -17.96 12.66
CA GLU B 132 7.07 -18.27 12.60
C GLU B 132 6.74 -19.08 11.35
N GLU B 133 5.79 -20.01 11.48
CA GLU B 133 5.39 -20.86 10.36
C GLU B 133 4.56 -20.14 9.27
N THR B 134 3.42 -19.64 9.62
CA THR B 134 2.67 -18.89 8.63
C THR B 134 2.57 -19.69 7.37
N ALA B 135 2.75 -18.93 6.32
CA ALA B 135 2.31 -19.20 4.94
C ALA B 135 2.82 -20.51 4.38
N ARG B 136 2.91 -21.52 5.24
CA ARG B 136 3.47 -22.84 4.92
C ARG B 136 4.93 -22.73 4.48
N GLY B 137 5.58 -21.66 4.92
CA GLY B 137 7.02 -21.51 4.83
C GLY B 137 7.50 -21.21 6.23
N THR B 138 8.43 -20.27 6.39
CA THR B 138 8.82 -19.81 7.71
C THR B 138 9.46 -18.41 7.71
N GLN B 139 8.85 -17.47 8.42
CA GLN B 139 9.38 -16.11 8.49
C GLN B 139 10.20 -15.86 9.74
N ARG B 140 11.46 -15.51 9.52
CA ARG B 140 12.39 -15.27 10.61
C ARG B 140 12.64 -13.79 10.76
N SER B 141 12.62 -13.31 12.00
CA SER B 141 12.91 -11.92 12.26
C SER B 141 13.54 -11.74 13.64
N ILE B 142 14.29 -10.66 13.80
CA ILE B 142 14.86 -10.28 15.08
C ILE B 142 14.16 -9.00 15.52
N GLN B 143 13.68 -8.95 16.76
CA GLN B 143 12.75 -7.89 17.15
C GLN B 143 13.12 -7.36 18.51
N VAL B 144 13.28 -6.03 18.59
CA VAL B 144 13.79 -5.36 19.78
C VAL B 144 12.72 -4.48 20.41
N PHE B 145 12.61 -4.56 21.73
CA PHE B 145 11.61 -3.81 22.47
C PHE B 145 12.23 -2.95 23.57
N ASP B 146 11.60 -1.82 23.90
CA ASP B 146 12.14 -0.89 24.91
C ASP B 146 11.63 -1.18 26.34
N GLN B 147 11.85 -0.25 27.26
CA GLN B 147 11.56 -0.45 28.69
C GLN B 147 10.06 -0.49 28.96
N GLN B 148 9.27 -0.02 28.02
CA GLN B 148 7.82 -0.07 28.17
C GLN B 148 7.24 -1.17 27.31
N GLY B 149 8.14 -1.94 26.68
CA GLY B 149 7.71 -3.06 25.86
C GLY B 149 7.27 -2.65 24.48
N VAL B 150 7.55 -1.41 24.11
CA VAL B 150 7.20 -0.90 22.78
C VAL B 150 8.30 -1.25 21.78
N ALA B 151 7.89 -1.67 20.58
CA ALA B 151 8.83 -1.97 19.50
C ALA B 151 9.82 -0.82 19.31
N VAL B 152 11.06 -1.19 19.04
CA VAL B 152 12.14 -0.25 18.81
C VAL B 152 12.56 -0.41 17.37
N HIS B 153 12.74 -1.65 16.95
CA HIS B 153 13.39 -1.93 15.70
C HIS B 153 13.17 -3.40 15.41
N LYS B 154 12.99 -3.74 14.14
CA LYS B 154 12.85 -5.13 13.74
C LYS B 154 13.63 -5.36 12.47
N VAL B 155 14.20 -6.55 12.31
CA VAL B 155 14.75 -6.93 11.01
C VAL B 155 14.27 -8.31 10.63
N PHE B 156 13.82 -8.42 9.40
CA PHE B 156 13.26 -9.64 8.87
C PHE B 156 14.20 -10.19 7.82
N LEU B 157 14.37 -11.51 7.80
CA LEU B 157 15.06 -12.14 6.70
C LEU B 157 14.12 -12.08 5.50
N ALA B 158 14.70 -12.10 4.30
CA ALA B 158 13.87 -12.10 3.08
C ALA B 158 14.34 -13.18 2.12
N GLU B 159 13.88 -13.07 0.87
CA GLU B 159 14.29 -13.94 -0.21
C GLU B 159 15.81 -14.11 -0.30
N ALA B 160 16.52 -12.98 -0.35
CA ALA B 160 17.96 -12.95 -0.58
C ALA B 160 18.79 -13.12 0.68
N SER B 161 18.13 -13.24 1.84
CA SER B 161 18.87 -13.42 3.09
C SER B 161 19.68 -14.71 3.07
N ASP B 162 20.81 -14.70 3.79
CA ASP B 162 21.63 -15.90 3.98
C ASP B 162 21.10 -16.70 5.17
N VAL B 163 20.11 -17.55 4.88
CA VAL B 163 19.39 -18.33 5.89
C VAL B 163 20.29 -19.25 6.70
N ARG B 164 21.42 -19.64 6.10
CA ARG B 164 22.36 -20.56 6.75
C ARG B 164 22.89 -19.97 8.03
N ALA B 165 22.92 -18.64 8.11
CA ALA B 165 23.51 -17.98 9.25
C ALA B 165 22.51 -17.76 10.37
N TRP B 166 21.26 -18.15 10.13
CA TRP B 166 20.21 -17.96 11.12
C TRP B 166 20.45 -18.73 12.43
N GLU B 167 20.40 -20.05 12.35
CA GLU B 167 20.64 -20.88 13.54
C GLU B 167 22.00 -20.67 14.23
N PRO B 168 23.10 -20.56 13.46
CA PRO B 168 24.37 -20.21 14.12
C PRO B 168 24.25 -18.92 14.88
N LEU B 169 23.60 -17.91 14.28
CA LEU B 169 23.45 -16.61 14.94
C LEU B 169 22.62 -16.77 16.20
N VAL B 170 21.44 -17.38 16.05
CA VAL B 170 20.53 -17.59 17.18
C VAL B 170 21.22 -18.35 18.33
N GLU B 171 22.00 -19.36 17.98
CA GLU B 171 22.64 -20.19 19.00
C GLU B 171 23.70 -19.42 19.78
N ARG B 172 24.48 -18.60 19.08
CA ARG B 172 25.51 -17.78 19.74
C ARG B 172 24.89 -16.72 20.65
N LEU B 173 23.73 -16.19 20.25
CA LEU B 173 23.15 -15.05 20.96
C LEU B 173 22.11 -15.43 22.02
N ARG B 174 21.61 -16.67 21.95
CA ARG B 174 20.59 -17.18 22.86
C ARG B 174 20.86 -16.83 24.32
N ALA B 175 19.87 -16.27 25.00
CA ALA B 175 19.97 -16.02 26.42
C ALA B 175 19.95 -17.35 27.18
N ALA B 176 20.69 -17.39 28.29
CA ALA B 176 20.73 -18.60 29.13
C ALA B 176 19.34 -18.97 29.59
N GLU B 177 18.70 -18.06 30.31
CA GLU B 177 17.30 -18.25 30.71
C GLU B 177 16.34 -17.84 29.59
N GLN B 178 15.67 -18.81 29.01
CA GLN B 178 14.64 -18.53 28.03
C GLN B 178 13.39 -18.01 28.72
N ASP B 179 13.47 -16.74 29.11
CA ASP B 179 12.49 -16.10 29.97
C ASP B 179 11.36 -15.50 29.14
N ALA B 180 10.12 -15.73 29.54
CA ALA B 180 8.97 -15.28 28.77
C ALA B 180 8.10 -14.23 29.48
N VAL B 181 8.66 -13.45 30.40
CA VAL B 181 7.90 -12.41 31.08
C VAL B 181 8.09 -11.00 30.57
N LEU B 182 9.35 -10.61 30.44
CA LEU B 182 9.72 -9.23 30.11
C LEU B 182 9.57 -8.26 31.24
N ALA B 183 10.65 -7.65 31.68
CA ALA B 183 10.63 -6.70 32.77
C ALA B 183 10.45 -5.27 32.26
N LEU B 184 9.30 -4.67 32.52
CA LEU B 184 9.03 -3.31 32.11
C LEU B 184 9.42 -2.27 33.16
N HIS B 185 9.63 -1.03 32.72
CA HIS B 185 9.98 0.09 33.60
C HIS B 185 9.18 1.32 33.22
N GLU B 186 8.70 2.06 34.22
CA GLU B 186 7.95 3.29 34.00
C GLU B 186 8.77 4.27 33.16
N PRO B 187 8.09 5.11 32.34
CA PRO B 187 8.86 6.03 31.48
C PRO B 187 9.54 7.15 32.27
N ARG B 188 10.61 7.70 31.72
CA ARG B 188 11.25 8.88 32.30
C ARG B 188 10.27 10.04 32.38
N ALA B 189 10.31 10.76 33.50
CA ALA B 189 9.44 11.92 33.71
C ALA B 189 9.57 12.93 32.57
N PRO B 190 8.44 13.51 32.12
CA PRO B 190 8.53 14.52 31.08
C PRO B 190 9.07 15.83 31.64
N ALA B 191 9.95 16.49 30.89
CA ALA B 191 10.53 17.76 31.33
C ALA B 191 9.46 18.82 31.52
N ALA B 192 9.74 19.80 32.39
CA ALA B 192 8.83 20.91 32.59
C ALA B 192 8.73 21.72 31.31
N ALA B 193 7.52 22.11 30.96
CA ALA B 193 7.30 22.80 29.70
C ALA B 193 7.31 24.31 29.89
N LEU B 194 7.87 25.03 28.94
CA LEU B 194 7.79 26.48 28.99
C LEU B 194 6.88 26.98 27.89
N VAL B 195 6.11 28.04 28.16
CA VAL B 195 5.33 28.66 27.10
C VAL B 195 6.21 29.63 26.31
N ASP B 196 5.75 29.96 25.10
CA ASP B 196 6.55 30.73 24.16
C ASP B 196 7.07 32.04 24.74
N ALA B 197 6.22 32.72 25.49
CA ALA B 197 6.54 34.02 26.10
C ALA B 197 7.70 33.93 27.09
N GLN B 198 7.95 32.74 27.62
CA GLN B 198 8.99 32.58 28.64
C GLN B 198 10.34 32.32 28.02
N ILE B 199 10.37 32.17 26.71
CA ILE B 199 11.63 31.90 26.04
C ILE B 199 12.24 33.19 25.52
N ASP B 200 13.56 33.28 25.51
CA ASP B 200 14.27 34.40 24.92
C ASP B 200 14.43 34.16 23.42
N ALA B 201 13.44 34.63 22.66
CA ALA B 201 13.42 34.43 21.21
C ALA B 201 14.67 35.00 20.57
N ALA B 202 15.06 36.20 20.98
CA ALA B 202 16.25 36.83 20.42
C ALA B 202 17.49 35.96 20.60
N ALA B 203 17.69 35.45 21.83
CA ALA B 203 18.81 34.55 22.09
C ALA B 203 18.71 33.24 21.30
N LEU B 204 17.50 32.69 21.24
CA LEU B 204 17.28 31.47 20.45
C LEU B 204 17.67 31.72 19.01
N ARG B 205 17.20 32.85 18.46
CA ARG B 205 17.49 33.18 17.07
C ARG B 205 18.99 33.37 16.83
N GLU B 206 19.69 34.00 17.77
CA GLU B 206 21.15 34.09 17.71
C GLU B 206 21.79 32.68 17.69
N GLY B 207 21.37 31.84 18.63
CA GLY B 207 21.83 30.44 18.63
C GLY B 207 21.52 29.67 17.35
N TRP B 208 20.38 29.96 16.74
CA TRP B 208 20.01 29.30 15.48
C TRP B 208 20.98 29.71 14.37
N ALA B 209 21.22 31.02 14.24
CA ALA B 209 22.13 31.52 13.21
C ALA B 209 23.52 30.88 13.31
N ALA B 210 23.91 30.49 14.52
CA ALA B 210 25.25 30.00 14.81
C ALA B 210 25.39 28.47 14.69
N LEU B 211 24.29 27.79 14.37
CA LEU B 211 24.26 26.34 14.27
C LEU B 211 25.34 25.79 13.34
N LYS B 212 26.02 24.72 13.78
CA LYS B 212 27.03 24.07 12.97
C LYS B 212 26.68 22.62 12.63
N ASP B 213 26.08 21.91 13.58
CA ASP B 213 25.75 20.49 13.38
C ASP B 213 24.34 20.21 13.82
N THR B 214 23.98 18.95 13.81
CA THR B 214 22.66 18.52 14.22
C THR B 214 22.67 18.39 15.74
N HIS B 215 23.83 18.06 16.29
CA HIS B 215 23.98 18.01 17.74
C HIS B 215 23.82 19.42 18.31
N HIS B 216 24.29 20.40 17.55
CA HIS B 216 24.13 21.79 17.94
C HIS B 216 22.67 22.20 17.98
N PHE B 217 21.84 21.58 17.14
CA PHE B 217 20.42 21.91 17.19
C PHE B 217 19.79 21.38 18.48
N HIS B 218 20.06 20.12 18.82
CA HIS B 218 19.52 19.54 20.05
C HIS B 218 19.94 20.31 21.30
N ALA B 219 21.19 20.76 21.29
CA ALA B 219 21.72 21.55 22.39
C ALA B 219 21.03 22.92 22.47
N LEU B 220 20.77 23.52 21.31
CA LEU B 220 19.99 24.77 21.28
C LEU B 220 18.65 24.62 22.00
N LEU B 221 17.94 23.52 21.73
CA LEU B 221 16.65 23.26 22.38
C LEU B 221 16.77 23.07 23.89
N LYS B 222 17.75 22.26 24.28
CA LYS B 222 18.04 22.02 25.71
C LYS B 222 18.36 23.33 26.41
N LYS B 223 19.19 24.14 25.76
CA LYS B 223 19.61 25.43 26.31
C LYS B 223 18.43 26.28 26.75
N HIS B 224 17.49 26.54 25.83
CA HIS B 224 16.33 27.38 26.14
C HIS B 224 15.17 26.64 26.81
N GLY B 225 15.30 25.32 26.95
CA GLY B 225 14.19 24.51 27.45
C GLY B 225 12.99 24.61 26.50
N ALA B 226 13.25 24.63 25.20
CA ALA B 226 12.19 24.77 24.20
C ALA B 226 11.80 23.44 23.60
N GLN B 227 10.50 23.21 23.44
CA GLN B 227 10.02 22.09 22.63
C GLN B 227 10.45 22.33 21.19
N ARG B 228 10.50 21.28 20.39
CA ARG B 228 10.97 21.44 19.02
C ARG B 228 10.07 22.36 18.19
N THR B 229 8.75 22.12 18.17
CA THR B 229 7.84 22.97 17.41
C THR B 229 7.89 24.40 17.96
N GLN B 230 8.06 24.49 19.28
CA GLN B 230 8.12 25.77 19.97
C GLN B 230 9.28 26.61 19.41
N ALA B 231 10.42 25.98 19.30
CA ALA B 231 11.59 26.60 18.70
C ALA B 231 11.28 27.02 17.28
N LEU B 232 10.51 26.20 16.56
CA LEU B 232 10.18 26.56 15.18
C LEU B 232 9.31 27.82 15.13
N ARG B 233 8.37 27.94 16.06
CA ARG B 233 7.50 29.12 16.10
C ARG B 233 8.34 30.39 16.35
N LEU B 234 9.32 30.27 17.23
CA LEU B 234 10.11 31.41 17.69
C LEU B 234 11.29 31.77 16.79
N ALA B 235 11.71 30.84 15.94
CA ALA B 235 12.86 31.06 15.06
C ALA B 235 12.62 32.18 14.03
N GLY B 236 11.37 32.37 13.65
CA GLY B 236 11.00 33.34 12.62
C GLY B 236 11.10 32.84 11.19
N GLY B 237 10.29 33.43 10.32
CA GLY B 237 10.19 33.07 8.92
C GLY B 237 11.44 32.78 8.12
N GLU B 238 12.54 33.48 8.39
CA GLU B 238 13.77 33.17 7.65
C GLU B 238 14.31 31.77 7.97
N TRP B 239 13.93 31.23 9.11
CA TRP B 239 14.43 29.91 9.50
C TRP B 239 13.39 28.79 9.38
N ALA B 240 12.12 29.14 9.62
CA ALA B 240 11.08 28.12 9.68
C ALA B 240 9.72 28.71 9.42
N GLU B 241 8.94 28.03 8.60
CA GLU B 241 7.56 28.42 8.36
C GLU B 241 6.65 27.21 8.21
N ARG B 242 5.47 27.34 8.78
CA ARG B 242 4.49 26.28 8.75
C ARG B 242 3.90 26.14 7.35
N LEU B 243 3.74 24.89 6.93
CA LEU B 243 3.17 24.55 5.64
C LEU B 243 1.85 23.83 5.80
N ASP B 244 1.05 23.85 4.74
CA ASP B 244 -0.20 23.09 4.74
C ASP B 244 0.12 21.60 4.92
N ASN B 245 -0.61 20.91 5.80
CA ASN B 245 -0.28 19.52 6.08
C ASN B 245 -0.34 18.65 4.82
N GLY B 246 -1.23 19.03 3.91
CA GLY B 246 -1.40 18.29 2.68
C GLY B 246 -0.25 18.38 1.70
N ASP B 247 0.65 19.35 1.88
CA ASP B 247 1.78 19.50 0.95
C ASP B 247 2.79 18.37 1.01
N LEU B 248 2.80 17.62 2.11
CA LEU B 248 3.77 16.54 2.25
C LEU B 248 3.64 15.51 1.11
N ALA B 249 2.45 14.96 0.94
CA ALA B 249 2.20 14.03 -0.16
C ALA B 249 2.55 14.67 -1.51
N LYS B 250 2.23 15.95 -1.68
CA LYS B 250 2.48 16.61 -2.96
C LYS B 250 3.97 16.77 -3.23
N LEU B 251 4.76 16.82 -2.17
CA LEU B 251 6.21 16.92 -2.32
C LEU B 251 6.77 15.56 -2.76
N PHE B 252 6.32 14.49 -2.11
CA PHE B 252 6.71 13.15 -2.56
C PHE B 252 6.40 12.95 -4.03
N GLU B 253 5.20 13.35 -4.44
CA GLU B 253 4.76 13.22 -5.84
C GLU B 253 5.67 13.99 -6.78
N ALA B 254 6.02 15.21 -6.40
CA ALA B 254 6.93 16.00 -7.21
C ALA B 254 8.29 15.31 -7.26
N ALA B 255 8.74 14.81 -6.12
CA ALA B 255 10.03 14.12 -6.12
C ALA B 255 10.01 12.89 -7.06
N ALA B 256 8.89 12.18 -7.11
CA ALA B 256 8.78 10.99 -7.96
C ALA B 256 8.79 11.36 -9.46
N GLU B 257 8.16 12.48 -9.80
CA GLU B 257 8.13 12.94 -11.18
C GLU B 257 9.51 13.30 -11.70
N SER B 258 10.33 13.90 -10.85
CA SER B 258 11.64 14.39 -11.27
C SER B 258 12.73 13.33 -11.16
N GLY B 259 12.54 12.37 -10.26
CA GLY B 259 13.56 11.37 -10.02
C GLY B 259 14.62 11.85 -9.06
N LEU B 260 14.32 12.95 -8.37
CA LEU B 260 15.21 13.55 -7.39
C LEU B 260 15.52 12.60 -6.23
N PRO B 261 16.81 12.35 -5.98
CA PRO B 261 17.20 11.58 -4.79
C PRO B 261 16.95 12.38 -3.50
N ILE B 262 16.15 11.83 -2.60
CA ILE B 262 15.83 12.49 -1.34
C ILE B 262 16.20 11.65 -0.14
N MET B 263 16.01 12.22 1.04
CA MET B 263 16.25 11.48 2.27
C MET B 263 14.98 11.52 3.10
N VAL B 264 14.62 10.37 3.65
CA VAL B 264 13.44 10.25 4.48
C VAL B 264 13.84 9.69 5.85
N PHE B 265 13.60 10.46 6.91
CA PHE B 265 13.94 10.03 8.25
C PHE B 265 12.67 9.66 9.02
N VAL B 266 12.64 8.45 9.55
CA VAL B 266 11.56 8.02 10.45
C VAL B 266 12.16 7.41 11.70
N GLY B 267 11.75 7.88 12.87
CA GLY B 267 12.26 7.29 14.09
C GLY B 267 11.28 7.32 15.24
N ASN B 268 11.68 6.68 16.32
CA ASN B 268 11.02 6.79 17.61
C ASN B 268 12.13 7.19 18.59
N ALA B 269 11.87 7.08 19.88
CA ALA B 269 12.83 7.53 20.89
C ALA B 269 14.20 6.85 20.84
N HIS B 270 14.28 5.68 20.21
CA HIS B 270 15.44 4.80 20.41
C HIS B 270 16.15 4.43 19.12
N CYS B 271 15.56 4.79 18.00
CA CYS B 271 16.06 4.32 16.72
C CYS B 271 15.59 5.27 15.63
N ILE B 272 16.50 5.65 14.75
CA ILE B 272 16.17 6.48 13.59
C ILE B 272 16.62 5.79 12.33
N GLN B 273 15.69 5.63 11.39
CA GLN B 273 15.97 4.89 10.17
C GLN B 273 15.88 5.82 8.95
N ILE B 274 16.82 5.65 8.03
CA ILE B 274 17.01 6.61 6.96
C ILE B 274 17.04 5.93 5.62
N HIS B 275 16.23 6.46 4.72
CA HIS B 275 16.32 6.11 3.32
C HIS B 275 16.98 7.26 2.58
N THR B 276 17.86 6.93 1.65
CA THR B 276 18.39 7.89 0.69
C THR B 276 18.15 7.31 -0.70
N GLY B 277 17.60 8.13 -1.59
CA GLY B 277 17.36 7.71 -2.95
C GLY B 277 16.10 8.31 -3.52
N PRO B 278 15.87 8.11 -4.82
CA PRO B 278 14.62 8.54 -5.43
C PRO B 278 13.44 7.77 -4.85
N VAL B 279 12.23 8.28 -5.07
CA VAL B 279 11.03 7.51 -4.81
C VAL B 279 10.26 7.44 -6.11
N CYS B 280 9.46 6.39 -6.32
CA CYS B 280 8.80 6.21 -7.61
C CYS B 280 7.29 6.04 -7.53
N ASN B 281 6.84 5.02 -6.81
CA ASN B 281 5.42 4.71 -6.80
C ASN B 281 4.70 5.18 -5.54
N LEU B 282 3.74 6.07 -5.71
CA LEU B 282 3.01 6.61 -4.60
C LEU B 282 1.55 6.15 -4.65
N LYS B 283 1.02 5.72 -3.51
CA LYS B 283 -0.36 5.28 -3.44
C LYS B 283 -1.05 5.70 -2.15
N TRP B 284 -2.27 6.19 -2.29
CA TRP B 284 -3.15 6.40 -1.16
C TRP B 284 -3.99 5.14 -0.92
N LEU B 285 -4.11 4.76 0.35
CA LEU B 285 -5.04 3.70 0.76
C LEU B 285 -5.74 4.17 2.04
N ASP B 286 -6.98 4.62 1.90
CA ASP B 286 -7.69 5.30 2.98
C ASP B 286 -6.78 6.44 3.48
N ASP B 287 -6.56 6.55 4.79
CA ASP B 287 -5.82 7.69 5.31
C ASP B 287 -4.31 7.51 5.18
N TRP B 288 -3.90 6.35 4.65
CA TRP B 288 -2.49 6.04 4.48
C TRP B 288 -1.97 6.60 3.17
N PHE B 289 -0.87 7.35 3.24
CA PHE B 289 -0.13 7.73 2.05
C PHE B 289 1.14 6.89 1.98
N ASN B 290 1.42 6.30 0.82
CA ASN B 290 2.44 5.25 0.74
C ASN B 290 3.54 5.40 -0.33
N VAL B 291 4.77 5.09 0.02
CA VAL B 291 5.77 4.84 -1.01
C VAL B 291 5.93 3.33 -1.10
N LEU B 292 5.67 2.78 -2.28
CA LEU B 292 5.75 1.31 -2.46
C LEU B 292 6.77 0.95 -3.55
N ASP B 293 8.04 0.90 -3.16
CA ASP B 293 9.14 0.74 -4.12
C ASP B 293 9.87 -0.55 -3.78
N PRO B 294 10.64 -1.09 -4.75
CA PRO B 294 11.36 -2.35 -4.58
C PRO B 294 12.17 -2.47 -3.30
N GLU B 295 12.95 -1.46 -2.95
CA GLU B 295 13.84 -1.58 -1.80
C GLU B 295 13.41 -0.72 -0.62
N PHE B 296 12.30 0.01 -0.79
CA PHE B 296 11.85 0.97 0.20
C PHE B 296 10.32 1.08 0.25
N ASN B 297 9.74 0.77 1.40
CA ASN B 297 8.33 0.98 1.64
C ASN B 297 8.15 2.03 2.73
N LEU B 298 7.22 2.97 2.52
CA LEU B 298 6.90 3.97 3.53
C LEU B 298 5.39 4.05 3.71
N HIS B 299 4.90 3.97 4.93
CA HIS B 299 3.47 4.05 5.15
C HIS B 299 3.21 5.17 6.12
N LEU B 300 2.58 6.22 5.64
CA LEU B 300 2.39 7.42 6.44
C LEU B 300 0.92 7.71 6.69
N LYS B 301 0.54 7.73 7.95
CA LYS B 301 -0.85 7.98 8.33
C LYS B 301 -1.11 9.49 8.42
N THR B 302 -1.61 10.06 7.31
CA THR B 302 -1.60 11.51 7.14
C THR B 302 -2.43 12.25 8.17
N THR B 303 -3.48 11.60 8.66
CA THR B 303 -4.40 12.25 9.59
C THR B 303 -3.77 12.38 10.98
N GLY B 304 -2.57 11.85 11.14
CA GLY B 304 -1.83 11.97 12.39
C GLY B 304 -0.87 13.16 12.38
N ILE B 305 -0.69 13.75 11.21
CA ILE B 305 0.13 14.95 11.09
C ILE B 305 -0.66 16.12 11.66
N ALA B 306 -0.10 16.78 12.68
CA ALA B 306 -0.72 17.98 13.23
C ALA B 306 -0.12 19.24 12.63
N GLU B 307 1.20 19.23 12.40
CA GLU B 307 1.83 20.40 11.77
C GLU B 307 2.97 19.99 10.87
N LEU B 308 3.22 20.80 9.85
CA LEU B 308 4.25 20.51 8.88
C LEU B 308 5.06 21.78 8.69
N TRP B 309 6.38 21.66 8.74
CA TRP B 309 7.25 22.83 8.68
C TRP B 309 8.31 22.68 7.62
N ARG B 310 8.61 23.78 6.94
CA ARG B 310 9.82 23.89 6.14
C ARG B 310 10.84 24.54 7.09
N VAL B 311 12.04 23.97 7.16
CA VAL B 311 13.06 24.38 8.14
C VAL B 311 14.39 24.55 7.43
N ARG B 312 15.09 25.65 7.74
CA ARG B 312 16.40 25.93 7.17
C ARG B 312 17.36 26.09 8.34
N LYS B 313 18.47 25.35 8.31
CA LYS B 313 19.45 25.40 9.38
C LYS B 313 20.83 25.64 8.84
N PRO B 314 21.52 26.67 9.35
CA PRO B 314 22.93 26.87 9.03
C PRO B 314 23.70 25.61 9.37
N SER B 315 24.81 25.38 8.69
CA SER B 315 25.67 24.26 9.01
C SER B 315 27.06 24.49 8.41
N THR B 316 28.01 23.67 8.85
CA THR B 316 29.38 23.75 8.33
C THR B 316 29.41 23.59 6.80
N ASP B 317 28.41 22.88 6.26
CA ASP B 317 28.34 22.68 4.83
C ASP B 317 27.29 23.60 4.17
N GLY B 318 26.98 24.70 4.83
CA GLY B 318 25.99 25.63 4.32
C GLY B 318 24.59 25.32 4.83
N ILE B 319 23.59 25.98 4.27
CA ILE B 319 22.22 25.84 4.73
C ILE B 319 21.65 24.47 4.34
N VAL B 320 21.01 23.81 5.31
CA VAL B 320 20.29 22.56 5.05
C VAL B 320 18.80 22.79 5.17
N THR B 321 18.10 22.48 4.09
CA THR B 321 16.66 22.65 4.06
C THR B 321 15.96 21.30 4.21
N SER B 322 14.99 21.24 5.10
CA SER B 322 14.26 20.00 5.32
C SER B 322 12.81 20.32 5.57
N TRP B 323 11.97 19.28 5.51
CA TRP B 323 10.59 19.39 5.93
C TRP B 323 10.42 18.46 7.13
N GLU B 324 9.65 18.91 8.12
CA GLU B 324 9.44 18.18 9.37
C GLU B 324 7.96 18.13 9.70
N ALA B 325 7.43 16.93 9.88
CA ALA B 325 6.03 16.74 10.28
C ALA B 325 5.92 16.25 11.71
N PHE B 326 4.98 16.81 12.46
CA PHE B 326 4.82 16.54 13.86
C PHE B 326 3.42 16.07 14.16
N ASP B 327 3.27 15.22 15.16
CA ASP B 327 1.96 14.73 15.57
C ASP B 327 1.37 15.68 16.60
N PRO B 328 0.15 15.41 17.10
CA PRO B 328 -0.39 16.39 18.05
C PRO B 328 0.38 16.53 19.38
N ASP B 329 1.31 15.63 19.68
CA ASP B 329 2.11 15.72 20.91
C ASP B 329 3.38 16.54 20.70
N GLY B 330 3.64 16.96 19.46
CA GLY B 330 4.88 17.67 19.18
C GLY B 330 6.06 16.76 18.85
N GLU B 331 5.80 15.47 18.68
CA GLU B 331 6.86 14.53 18.31
C GLU B 331 7.00 14.42 16.80
N LEU B 332 8.22 14.16 16.34
CA LEU B 332 8.47 13.98 14.92
C LEU B 332 7.81 12.73 14.36
N ILE B 333 7.27 12.87 13.16
CA ILE B 333 6.69 11.75 12.44
C ILE B 333 7.64 11.30 11.36
N VAL B 334 8.05 12.25 10.52
CA VAL B 334 9.00 11.99 9.46
C VAL B 334 9.69 13.32 9.16
N GLN B 335 10.92 13.27 8.62
CA GLN B 335 11.59 14.44 8.07
C GLN B 335 12.11 14.10 6.68
N LEU B 336 12.13 15.11 5.82
CA LEU B 336 12.64 14.92 4.47
C LEU B 336 13.80 15.88 4.24
N PHE B 337 14.86 15.39 3.60
CA PHE B 337 15.99 16.23 3.22
C PHE B 337 16.29 15.90 1.76
N GLY B 338 17.19 16.65 1.14
CA GLY B 338 17.74 16.20 -0.13
C GLY B 338 18.89 15.26 0.15
N ALA B 339 19.20 14.37 -0.80
CA ALA B 339 20.37 13.48 -0.67
C ALA B 339 21.66 14.27 -0.77
N ARG B 340 22.64 13.94 0.08
CA ARG B 340 23.96 14.54 -0.02
C ARG B 340 24.98 13.81 0.85
N LYS B 341 26.18 13.64 0.31
CA LYS B 341 27.28 13.05 1.08
C LYS B 341 27.75 14.10 2.07
N PRO B 342 27.80 13.72 3.35
CA PRO B 342 28.23 14.57 4.48
C PRO B 342 29.44 15.41 4.09
N GLY B 343 29.37 16.71 4.35
CA GLY B 343 30.42 17.62 3.94
C GLY B 343 30.02 18.50 2.79
N GLU B 344 29.31 17.92 1.82
CA GLU B 344 28.94 18.64 0.60
C GLU B 344 27.58 19.34 0.70
N PRO B 345 27.46 20.53 0.07
CA PRO B 345 26.25 21.34 0.20
C PRO B 345 25.03 20.62 -0.37
N GLU B 346 23.86 20.93 0.18
CA GLU B 346 22.62 20.31 -0.28
C GLU B 346 22.40 20.67 -1.74
N ARG B 347 21.72 19.81 -2.47
CA ARG B 347 21.63 20.00 -3.91
C ARG B 347 20.61 21.06 -4.29
N ASP B 348 20.88 21.76 -5.38
CA ASP B 348 20.04 22.87 -5.82
C ASP B 348 18.65 22.39 -6.22
N ASP B 349 18.56 21.25 -6.89
CA ASP B 349 17.25 20.72 -7.24
C ASP B 349 16.41 20.45 -5.99
N TRP B 350 17.00 19.83 -4.97
CA TRP B 350 16.27 19.70 -3.70
C TRP B 350 15.87 21.06 -3.12
N ARG B 351 16.82 21.99 -3.02
CA ARG B 351 16.46 23.29 -2.44
C ARG B 351 15.30 23.95 -3.18
N GLU B 352 15.40 24.01 -4.51
CA GLU B 352 14.32 24.56 -5.32
C GLU B 352 12.99 23.84 -5.07
N LEU B 353 13.00 22.50 -5.11
CA LEU B 353 11.77 21.73 -4.85
C LEU B 353 11.23 22.08 -3.47
N ALA B 354 12.10 21.99 -2.47
CA ALA B 354 11.69 22.21 -1.08
C ALA B 354 11.17 23.62 -0.80
N GLU B 355 11.71 24.60 -1.51
CA GLU B 355 11.28 25.99 -1.32
C GLU B 355 10.08 26.34 -2.19
N SER B 356 9.70 25.44 -3.10
CA SER B 356 8.66 25.77 -4.08
C SER B 356 7.24 25.86 -3.50
N PHE B 357 7.00 25.16 -2.41
CA PHE B 357 5.65 25.16 -1.84
C PHE B 357 5.42 26.42 -1.01
N LYS B 358 4.17 26.85 -0.88
CA LYS B 358 3.90 28.14 -0.26
C LYS B 358 3.57 27.98 1.21
N ALA B 359 4.09 28.89 2.02
CA ALA B 359 3.88 28.84 3.47
C ALA B 359 2.48 29.27 3.83
N LEU B 360 1.99 28.85 4.98
CA LEU B 360 0.69 29.32 5.48
C LEU B 360 0.75 30.81 5.77
#